data_1OPO
#
_entry.id   1OPO
#
_cell.length_a   382.6
_cell.length_b   382.6
_cell.length_c   382.6
_cell.angle_alpha   90.0
_cell.angle_beta   90.0
_cell.angle_gamma   90.0
#
_symmetry.space_group_name_H-M   'I 2 3'
#
loop_
_entity.id
_entity.type
_entity.pdbx_description
1 polymer 'Coat protein'
2 non-polymer 'SULFATE ION'
3 non-polymer 'CALCIUM ION'
#
_entity_poly.entity_id   1
_entity_poly.type   'polypeptide(L)'
_entity_poly.pdbx_seq_one_letter_code
;MENKGEKIAMNPTVQTLAQKGDKLAVKLVTRGWASLSTNQKRRAEMLAGYTPAILAFTPRRPRMTNPPPRTSRNSPGQAG
KSMTMSKTELLSTVKGTTGVIPSFEDWVVSPRNVAVFPQLSLLATNFNKYRITALTVKYSPACSFETNGRVALGFNDDAS
DTPPTTKVGFYDLGKHVETAAQTAKDLVIPVDGKTRFIRDSASDDAKLVDFGRIVLSTYGFDKADTVVGELFIQYTIVLS
DPTKTAKISQASNDKVSDGPTYVVPSVNGNELQLRVVAAGKWCIIVRGTVEGGFTKPTLIGPGISGDVDYESARPIAVCE
LVTQMEGQILKITKTSAEQPLQWVVYRM
;
_entity_poly.pdbx_strand_id   A,B,C
#
loop_
_chem_comp.id
_chem_comp.type
_chem_comp.name
_chem_comp.formula
CA non-polymer 'CALCIUM ION' 'Ca 2'
SO4 non-polymer 'SULFATE ION' 'O4 S -2'
#
# COMPACT_ATOMS: atom_id res chain seq x y z
N SER A 82 -5.29 28.89 0.77
CA SER A 82 -4.92 27.96 -0.34
C SER A 82 -5.27 28.55 -1.71
N MET A 83 -4.32 28.59 -2.63
CA MET A 83 -4.66 29.14 -3.94
C MET A 83 -4.05 28.35 -5.09
N THR A 84 -4.39 28.77 -6.31
CA THR A 84 -3.94 28.08 -7.49
C THR A 84 -2.66 28.69 -8.05
N MET A 85 -2.03 27.96 -8.96
CA MET A 85 -0.77 28.38 -9.56
C MET A 85 -0.65 27.86 -10.99
N SER A 86 -0.17 28.69 -11.91
CA SER A 86 0.01 28.31 -13.31
C SER A 86 1.35 28.72 -13.83
N LYS A 87 2.07 27.77 -14.39
CA LYS A 87 3.40 28.05 -14.89
C LYS A 87 3.76 26.97 -15.89
N THR A 88 4.73 27.30 -16.74
CA THR A 88 5.23 26.31 -17.69
C THR A 88 6.70 26.17 -17.35
N GLU A 89 7.07 25.00 -16.84
CA GLU A 89 8.43 24.73 -16.42
C GLU A 89 9.12 23.78 -17.39
N LEU A 90 10.45 23.79 -17.36
CA LEU A 90 11.26 22.90 -18.21
C LEU A 90 11.23 21.51 -17.60
N LEU A 91 10.97 20.48 -18.40
CA LEU A 91 10.90 19.14 -17.85
C LEU A 91 12.14 18.30 -18.10
N SER A 92 12.53 18.16 -19.37
CA SER A 92 13.71 17.38 -19.69
C SER A 92 14.13 17.67 -21.10
N THR A 93 15.34 17.24 -21.44
CA THR A 93 15.85 17.39 -22.79
C THR A 93 15.54 16.06 -23.45
N VAL A 94 15.53 16.04 -24.77
CA VAL A 94 15.18 14.84 -25.50
C VAL A 94 16.29 14.44 -26.45
N LYS A 95 16.85 13.24 -26.23
CA LYS A 95 17.94 12.76 -27.08
C LYS A 95 17.43 11.67 -28.00
N GLY A 96 18.11 11.49 -29.13
CA GLY A 96 17.71 10.50 -30.11
C GLY A 96 17.92 9.05 -29.70
N THR A 97 17.32 8.16 -30.44
CA THR A 97 17.42 6.74 -30.20
C THR A 97 17.37 6.11 -31.57
N THR A 98 18.27 5.16 -31.80
CA THR A 98 18.31 4.51 -33.10
C THR A 98 17.54 3.22 -33.12
N GLY A 99 17.29 2.75 -34.33
CA GLY A 99 16.59 1.48 -34.47
C GLY A 99 15.09 1.55 -34.47
N VAL A 100 14.50 0.41 -34.79
CA VAL A 100 13.05 0.28 -34.86
C VAL A 100 12.48 -0.09 -33.49
N ILE A 101 13.37 -0.32 -32.56
CA ILE A 101 12.98 -0.72 -31.23
C ILE A 101 12.87 0.52 -30.32
N PRO A 102 11.67 0.79 -29.84
CA PRO A 102 11.38 1.94 -28.98
C PRO A 102 12.14 2.00 -27.69
N SER A 103 12.50 3.22 -27.33
CA SER A 103 13.21 3.51 -26.12
C SER A 103 12.25 4.37 -25.27
N PHE A 104 12.12 4.07 -23.98
CA PHE A 104 11.17 4.79 -23.11
C PHE A 104 11.70 5.59 -21.94
N GLU A 105 10.86 6.48 -21.41
CA GLU A 105 11.19 7.31 -20.26
C GLU A 105 9.88 7.58 -19.57
N ASP A 106 9.85 7.51 -18.25
CA ASP A 106 8.60 7.82 -17.61
C ASP A 106 8.79 8.72 -16.43
N TRP A 107 7.70 9.34 -16.03
CA TRP A 107 7.68 10.23 -14.88
C TRP A 107 6.33 10.09 -14.22
N VAL A 108 6.33 10.00 -12.90
CA VAL A 108 5.09 9.89 -12.15
C VAL A 108 4.69 11.27 -11.77
N VAL A 109 3.49 11.65 -12.13
CA VAL A 109 3.01 12.99 -11.82
C VAL A 109 2.58 13.15 -10.37
N SER A 110 3.40 13.86 -9.61
CA SER A 110 3.10 14.16 -8.21
C SER A 110 3.79 15.47 -7.91
N PRO A 111 3.07 16.40 -7.30
CA PRO A 111 3.64 17.71 -6.97
C PRO A 111 4.93 17.71 -6.16
N ARG A 112 5.25 16.63 -5.47
CA ARG A 112 6.49 16.63 -4.72
C ARG A 112 7.64 15.96 -5.47
N ASN A 113 7.35 15.50 -6.67
CA ASN A 113 8.37 14.86 -7.46
C ASN A 113 9.17 15.97 -8.14
N VAL A 114 10.37 16.21 -7.60
CA VAL A 114 11.26 17.26 -8.11
C VAL A 114 11.55 17.17 -9.60
N ALA A 115 11.69 15.94 -10.08
CA ALA A 115 11.96 15.68 -11.49
C ALA A 115 10.93 16.26 -12.42
N VAL A 116 9.70 16.35 -11.96
CA VAL A 116 8.66 16.90 -12.82
C VAL A 116 8.34 18.35 -12.51
N PHE A 117 8.43 18.74 -11.25
CA PHE A 117 8.14 20.12 -10.88
C PHE A 117 9.28 20.66 -10.05
N PRO A 118 10.36 21.06 -10.71
CA PRO A 118 11.53 21.60 -10.02
C PRO A 118 11.11 22.71 -9.09
N GLN A 119 10.47 23.74 -9.61
CA GLN A 119 10.05 24.84 -8.74
C GLN A 119 8.87 24.47 -7.85
N LEU A 120 7.77 24.07 -8.48
CA LEU A 120 6.58 23.72 -7.75
C LEU A 120 6.77 22.77 -6.58
N SER A 121 7.58 21.74 -6.78
CA SER A 121 7.85 20.76 -5.72
C SER A 121 8.18 21.51 -4.45
N LEU A 122 8.96 22.57 -4.58
CA LEU A 122 9.33 23.36 -3.41
C LEU A 122 8.08 23.91 -2.71
N LEU A 123 7.23 24.61 -3.46
CA LEU A 123 5.99 25.18 -2.92
C LEU A 123 5.15 24.09 -2.25
N ALA A 124 5.02 22.99 -2.94
CA ALA A 124 4.23 21.87 -2.49
C ALA A 124 4.57 21.31 -1.10
N THR A 125 5.72 21.63 -0.55
CA THR A 125 6.03 21.08 0.75
C THR A 125 5.27 21.78 1.87
N ASN A 126 4.30 22.61 1.52
CA ASN A 126 3.56 23.34 2.53
C ASN A 126 2.08 23.10 2.58
N PHE A 127 1.64 22.08 1.88
CA PHE A 127 0.22 21.75 1.87
C PHE A 127 0.03 20.29 1.92
N ASN A 128 -1.16 19.89 2.35
CA ASN A 128 -1.49 18.50 2.44
C ASN A 128 -2.26 17.97 1.23
N LYS A 129 -2.85 18.86 0.43
CA LYS A 129 -3.61 18.37 -0.72
C LYS A 129 -3.46 19.17 -2.00
N TYR A 130 -3.82 18.55 -3.12
CA TYR A 130 -3.71 19.20 -4.42
C TYR A 130 -4.78 18.73 -5.37
N ARG A 131 -4.98 19.49 -6.43
CA ARG A 131 -5.99 19.18 -7.43
C ARG A 131 -5.52 19.87 -8.68
N ILE A 132 -5.21 19.10 -9.72
CA ILE A 132 -4.73 19.67 -10.98
C ILE A 132 -5.91 19.98 -11.86
N THR A 133 -5.96 21.20 -12.38
CA THR A 133 -7.09 21.55 -13.23
C THR A 133 -6.72 21.62 -14.69
N ALA A 134 -5.44 21.78 -14.96
CA ALA A 134 -4.98 21.87 -16.34
C ALA A 134 -3.57 21.33 -16.38
N LEU A 135 -3.30 20.52 -17.41
CA LEU A 135 -1.98 19.92 -17.56
C LEU A 135 -1.71 19.51 -19.00
N THR A 136 -0.66 20.06 -19.58
CA THR A 136 -0.33 19.68 -20.93
C THR A 136 1.19 19.66 -21.05
N VAL A 137 1.69 18.67 -21.77
CA VAL A 137 3.13 18.49 -21.94
C VAL A 137 3.45 18.91 -23.35
N LYS A 138 4.40 19.81 -23.52
CA LYS A 138 4.71 20.22 -24.86
C LYS A 138 6.14 19.93 -25.25
N TYR A 139 6.28 19.38 -26.45
CA TYR A 139 7.57 19.04 -27.02
C TYR A 139 7.94 20.17 -27.96
N SER A 140 9.13 20.70 -27.72
CA SER A 140 9.63 21.81 -28.49
C SER A 140 10.96 21.40 -29.10
N PRO A 141 11.01 21.28 -30.43
CA PRO A 141 12.23 20.88 -31.16
C PRO A 141 13.31 21.93 -31.06
N ALA A 142 14.52 21.53 -31.43
CA ALA A 142 15.69 22.39 -31.43
C ALA A 142 16.70 21.85 -32.42
N CYS A 143 16.23 20.93 -33.26
CA CYS A 143 17.07 20.25 -34.24
C CYS A 143 16.84 20.67 -35.67
N SER A 144 17.76 20.27 -36.56
CA SER A 144 17.69 20.59 -37.98
C SER A 144 16.63 19.72 -38.63
N PHE A 145 16.03 20.26 -39.68
CA PHE A 145 14.99 19.56 -40.42
C PHE A 145 15.42 18.32 -41.17
N GLU A 146 16.71 17.98 -41.10
CA GLU A 146 17.15 16.78 -41.78
C GLU A 146 17.10 15.63 -40.82
N THR A 147 16.75 15.85 -39.56
CA THR A 147 16.78 14.70 -38.67
C THR A 147 15.68 13.69 -38.93
N ASN A 148 15.98 12.44 -38.65
CA ASN A 148 15.03 11.37 -38.82
C ASN A 148 14.69 10.88 -37.44
N GLY A 149 13.48 10.35 -37.28
CA GLY A 149 13.09 9.85 -35.97
C GLY A 149 11.69 10.19 -35.53
N ARG A 150 11.16 9.38 -34.62
CA ARG A 150 9.84 9.56 -34.08
C ARG A 150 9.96 9.97 -32.63
N VAL A 151 9.04 10.83 -32.21
CA VAL A 151 8.97 11.28 -30.85
C VAL A 151 7.50 11.17 -30.51
N ALA A 152 7.20 10.45 -29.45
CA ALA A 152 5.81 10.28 -29.06
C ALA A 152 5.64 10.37 -27.55
N LEU A 153 4.47 10.87 -27.17
CA LEU A 153 4.10 11.08 -25.78
C LEU A 153 2.84 10.34 -25.40
N GLY A 154 2.81 9.83 -24.18
CA GLY A 154 1.65 9.10 -23.71
C GLY A 154 1.38 9.31 -22.22
N PHE A 155 0.13 9.11 -21.84
CA PHE A 155 -0.26 9.28 -20.45
C PHE A 155 -1.12 8.15 -19.97
N ASN A 156 -0.92 7.76 -18.72
CA ASN A 156 -1.71 6.71 -18.12
C ASN A 156 -2.07 7.22 -16.73
N ASP A 157 -3.36 7.33 -16.45
CA ASP A 157 -3.78 7.82 -15.14
C ASP A 157 -3.67 6.81 -14.02
N ASP A 158 -3.18 5.62 -14.34
CA ASP A 158 -2.99 4.60 -13.33
C ASP A 158 -1.49 4.53 -13.07
N ALA A 159 -1.01 5.36 -12.16
CA ALA A 159 0.41 5.37 -11.89
C ALA A 159 0.98 4.05 -11.42
N SER A 160 0.19 3.19 -10.78
CA SER A 160 0.68 1.90 -10.29
C SER A 160 0.94 0.89 -11.39
N ASP A 161 0.33 1.07 -12.56
CA ASP A 161 0.53 0.09 -13.61
C ASP A 161 1.90 0.20 -14.25
N THR A 162 2.37 -0.93 -14.75
CA THR A 162 3.63 -1.04 -15.42
C THR A 162 3.71 -0.16 -16.63
N PRO A 163 4.88 0.42 -16.88
CA PRO A 163 5.06 1.28 -18.05
C PRO A 163 5.05 0.33 -19.25
N PRO A 164 4.80 0.86 -20.44
CA PRO A 164 4.79 -0.07 -21.57
C PRO A 164 6.19 -0.55 -21.91
N THR A 165 6.23 -1.62 -22.69
CA THR A 165 7.46 -2.24 -23.11
C THR A 165 7.45 -2.42 -24.61
N THR A 166 6.27 -2.56 -25.16
CA THR A 166 6.11 -2.75 -26.58
C THR A 166 5.72 -1.43 -27.19
N LYS A 167 5.95 -1.33 -28.48
CA LYS A 167 5.57 -0.16 -29.24
C LYS A 167 4.03 -0.15 -29.21
N VAL A 168 3.38 -1.31 -29.42
CA VAL A 168 1.90 -1.36 -29.37
C VAL A 168 1.44 -1.04 -27.96
N GLY A 169 2.18 -1.56 -27.00
CA GLY A 169 1.82 -1.30 -25.63
C GLY A 169 1.67 0.19 -25.42
N PHE A 170 2.67 0.92 -25.89
CA PHE A 170 2.68 2.36 -25.76
C PHE A 170 1.50 3.01 -26.48
N TYR A 171 1.29 2.68 -27.75
CA TYR A 171 0.20 3.29 -28.48
C TYR A 171 -1.20 2.89 -28.02
N ASP A 172 -1.26 1.83 -27.23
CA ASP A 172 -2.54 1.37 -26.71
C ASP A 172 -2.92 2.08 -25.42
N LEU A 173 -2.05 2.98 -25.00
CA LEU A 173 -2.29 3.75 -23.79
C LEU A 173 -3.52 4.64 -23.95
N GLY A 174 -4.03 5.09 -22.81
CA GLY A 174 -5.20 5.95 -22.78
C GLY A 174 -5.16 7.10 -23.75
N LYS A 175 -4.08 7.87 -23.71
CA LYS A 175 -3.97 9.01 -24.61
C LYS A 175 -2.51 9.21 -25.00
N HIS A 176 -2.28 9.40 -26.29
CA HIS A 176 -0.94 9.59 -26.78
C HIS A 176 -0.95 10.48 -27.97
N VAL A 177 0.23 11.01 -28.28
CA VAL A 177 0.40 11.88 -29.42
C VAL A 177 1.75 11.56 -30.10
N GLU A 178 1.81 11.62 -31.43
CA GLU A 178 3.03 11.28 -32.15
C GLU A 178 3.47 12.40 -33.07
N THR A 179 4.78 12.57 -33.26
CA THR A 179 5.30 13.63 -34.11
C THR A 179 6.71 13.32 -34.57
N ALA A 180 7.21 14.15 -35.47
CA ALA A 180 8.56 13.99 -35.97
C ALA A 180 9.47 14.91 -35.18
N ALA A 181 10.77 14.59 -35.13
CA ALA A 181 11.72 15.38 -34.37
C ALA A 181 11.78 16.87 -34.69
N GLN A 182 11.48 17.24 -35.92
CA GLN A 182 11.51 18.66 -36.29
C GLN A 182 10.20 19.35 -35.98
N THR A 183 9.14 18.58 -35.76
CA THR A 183 7.83 19.18 -35.51
C THR A 183 7.30 19.22 -34.07
N ALA A 184 6.95 20.43 -33.61
CA ALA A 184 6.41 20.58 -32.26
C ALA A 184 5.03 19.96 -32.12
N LYS A 185 4.73 19.46 -30.93
CA LYS A 185 3.46 18.82 -30.66
C LYS A 185 3.16 18.95 -29.18
N ASP A 186 1.87 18.99 -28.83
CA ASP A 186 1.48 19.09 -27.43
C ASP A 186 0.61 17.90 -27.01
N LEU A 187 0.86 17.36 -25.82
CA LEU A 187 0.03 16.27 -25.31
C LEU A 187 -0.83 16.96 -24.26
N VAL A 188 -2.12 17.05 -24.50
CA VAL A 188 -2.95 17.71 -23.50
C VAL A 188 -3.66 16.65 -22.66
N ILE A 189 -3.17 16.46 -21.44
CA ILE A 189 -3.71 15.46 -20.50
C ILE A 189 -5.08 15.82 -19.97
N PRO A 190 -5.98 14.82 -19.88
CA PRO A 190 -7.34 15.05 -19.37
C PRO A 190 -7.29 15.10 -17.84
N VAL A 191 -8.29 15.74 -17.24
CA VAL A 191 -8.31 15.90 -15.81
C VAL A 191 -9.53 15.38 -15.08
N ASP A 192 -9.34 14.73 -13.94
CA ASP A 192 -10.47 14.31 -13.11
C ASP A 192 -10.52 15.45 -12.08
N GLY A 193 -11.69 15.79 -11.56
CA GLY A 193 -11.72 16.90 -10.62
C GLY A 193 -11.36 16.49 -9.20
N LYS A 194 -10.93 15.25 -9.06
CA LYS A 194 -10.59 14.70 -7.77
C LYS A 194 -9.44 15.47 -7.05
N THR A 195 -9.69 15.82 -5.79
CA THR A 195 -8.69 16.50 -4.96
C THR A 195 -8.00 15.41 -4.14
N ARG A 196 -6.69 15.44 -4.04
CA ARG A 196 -6.02 14.37 -3.29
C ARG A 196 -4.85 14.76 -2.42
N PHE A 197 -4.54 13.88 -1.47
CA PHE A 197 -3.43 14.10 -0.55
C PHE A 197 -2.18 14.04 -1.39
N ILE A 198 -1.20 14.83 -1.02
CA ILE A 198 0.04 14.77 -1.78
C ILE A 198 0.99 13.87 -1.00
N ARG A 199 1.61 12.94 -1.72
CA ARG A 199 2.51 11.94 -1.17
C ARG A 199 3.51 12.36 -0.12
N ASP A 200 3.52 11.67 1.02
CA ASP A 200 4.47 11.97 2.06
C ASP A 200 5.67 11.02 1.95
N SER A 201 5.45 9.81 1.44
CA SER A 201 6.53 8.83 1.29
C SER A 201 6.15 7.65 0.42
N ALA A 202 7.15 6.91 -0.02
CA ALA A 202 6.91 5.73 -0.84
C ALA A 202 6.35 4.80 0.19
N SER A 203 5.11 4.41 0.00
CA SER A 203 4.35 3.53 0.90
C SER A 203 2.96 4.09 0.81
N ASP A 204 2.85 5.34 0.38
CA ASP A 204 1.54 5.92 0.17
C ASP A 204 1.04 5.17 -1.07
N ASP A 205 -0.27 4.96 -1.18
CA ASP A 205 -0.78 4.23 -2.34
C ASP A 205 -0.78 5.10 -3.58
N ALA A 206 -0.03 4.69 -4.59
CA ALA A 206 0.03 5.48 -5.82
C ALA A 206 -1.34 5.81 -6.39
N LYS A 207 -2.29 4.90 -6.26
CA LYS A 207 -3.62 5.13 -6.80
C LYS A 207 -4.42 6.15 -6.01
N LEU A 208 -3.98 6.40 -4.79
CA LEU A 208 -4.66 7.34 -3.94
C LEU A 208 -4.01 8.71 -3.97
N VAL A 209 -2.72 8.69 -4.22
CA VAL A 209 -1.96 9.89 -4.15
C VAL A 209 -1.43 10.50 -5.45
N ASP A 210 -1.07 9.65 -6.39
CA ASP A 210 -0.50 10.14 -7.63
C ASP A 210 -1.49 10.39 -8.74
N PHE A 211 -1.17 11.40 -9.53
CA PHE A 211 -2.02 11.79 -10.63
C PHE A 211 -1.99 10.88 -11.85
N GLY A 212 -0.85 10.31 -12.14
CA GLY A 212 -0.75 9.43 -13.30
C GLY A 212 0.71 9.33 -13.69
N ARG A 213 0.98 8.81 -14.88
CA ARG A 213 2.34 8.66 -15.34
C ARG A 213 2.49 9.11 -16.79
N ILE A 214 3.60 9.80 -17.07
CA ILE A 214 3.88 10.31 -18.40
C ILE A 214 4.96 9.45 -19.02
N VAL A 215 4.83 9.19 -20.31
CA VAL A 215 5.80 8.36 -21.00
C VAL A 215 6.30 8.94 -22.30
N LEU A 216 7.62 8.97 -22.43
CA LEU A 216 8.26 9.46 -23.62
C LEU A 216 8.80 8.27 -24.36
N SER A 217 8.69 8.30 -25.68
CA SER A 217 9.17 7.19 -26.47
C SER A 217 9.87 7.73 -27.70
N THR A 218 11.00 7.14 -28.07
CA THR A 218 11.74 7.57 -29.25
C THR A 218 12.37 6.40 -29.95
N TYR A 219 12.61 6.55 -31.24
CA TYR A 219 13.24 5.52 -32.04
C TYR A 219 13.37 6.02 -33.47
N GLY A 220 14.21 5.36 -34.26
CA GLY A 220 14.37 5.75 -35.64
C GLY A 220 15.31 6.89 -35.94
N PHE A 221 16.10 7.29 -34.96
CA PHE A 221 17.03 8.37 -35.20
C PHE A 221 18.26 7.82 -35.88
N ASP A 222 19.02 8.73 -36.50
CA ASP A 222 20.23 8.33 -37.20
C ASP A 222 21.43 8.07 -36.31
N LYS A 223 21.59 8.86 -35.26
CA LYS A 223 22.70 8.66 -34.33
C LYS A 223 22.16 8.78 -32.93
N ALA A 224 22.83 8.12 -31.99
CA ALA A 224 22.42 8.05 -30.60
C ALA A 224 22.20 9.31 -29.76
N ASP A 225 22.90 9.41 -28.64
CA ASP A 225 22.68 10.53 -27.73
C ASP A 225 22.98 11.90 -28.22
N THR A 226 22.07 12.42 -29.01
CA THR A 226 22.23 13.73 -29.57
C THR A 226 20.93 14.43 -29.20
N VAL A 227 21.00 15.64 -28.65
CA VAL A 227 19.75 16.33 -28.27
C VAL A 227 19.02 16.84 -29.49
N VAL A 228 17.70 16.72 -29.45
CA VAL A 228 16.92 17.15 -30.60
C VAL A 228 15.81 18.12 -30.22
N GLY A 229 15.57 18.25 -28.92
CA GLY A 229 14.55 19.15 -28.44
C GLY A 229 14.40 18.98 -26.94
N GLU A 230 13.48 19.72 -26.36
CA GLU A 230 13.22 19.63 -24.92
C GLU A 230 11.72 19.51 -24.78
N LEU A 231 11.26 19.05 -23.63
CA LEU A 231 9.83 19.05 -23.42
C LEU A 231 9.52 19.80 -22.12
N PHE A 232 8.53 20.68 -22.22
CA PHE A 232 8.10 21.53 -21.12
C PHE A 232 6.75 21.08 -20.61
N ILE A 233 6.50 21.40 -19.35
CA ILE A 233 5.29 20.98 -18.69
C ILE A 233 4.50 22.22 -18.27
N GLN A 234 3.30 22.33 -18.82
CA GLN A 234 2.43 23.46 -18.55
C GLN A 234 1.33 23.00 -17.63
N TYR A 235 1.17 23.71 -16.54
CA TYR A 235 0.16 23.29 -15.61
C TYR A 235 -0.58 24.42 -14.89
N THR A 236 -1.63 23.99 -14.20
CA THR A 236 -2.47 24.85 -13.41
C THR A 236 -2.99 23.92 -12.33
N ILE A 237 -2.44 24.05 -11.13
CA ILE A 237 -2.91 23.19 -10.05
C ILE A 237 -3.24 24.06 -8.86
N VAL A 238 -4.09 23.54 -7.98
CA VAL A 238 -4.49 24.28 -6.79
C VAL A 238 -4.16 23.51 -5.54
N LEU A 239 -3.31 24.14 -4.76
CA LEU A 239 -2.83 23.58 -3.50
C LEU A 239 -3.78 23.95 -2.40
N SER A 240 -3.93 23.07 -1.41
CA SER A 240 -4.85 23.35 -0.32
C SER A 240 -4.51 22.57 0.94
N ASP A 241 -5.18 22.94 2.03
CA ASP A 241 -4.99 22.27 3.30
C ASP A 241 -3.56 22.57 3.76
N PRO A 242 -3.28 23.84 4.06
CA PRO A 242 -1.95 24.26 4.51
C PRO A 242 -1.52 23.49 5.74
N THR A 243 -0.21 23.30 5.85
CA THR A 243 0.34 22.54 6.95
C THR A 243 1.82 22.83 7.18
N LYS A 244 2.35 22.10 8.14
CA LYS A 244 3.74 22.10 8.59
C LYS A 244 4.65 21.81 7.39
N THR A 245 5.71 22.59 7.20
CA THR A 245 6.62 22.36 6.07
C THR A 245 7.38 21.02 6.12
N ALA A 246 7.46 20.37 4.96
CA ALA A 246 8.14 19.09 4.82
C ALA A 246 9.66 19.16 4.86
N LYS A 247 10.29 17.99 4.77
CA LYS A 247 11.75 17.90 4.78
C LYS A 247 12.19 18.50 3.45
N ILE A 248 13.19 19.36 3.51
CA ILE A 248 13.69 20.01 2.31
C ILE A 248 15.03 19.46 1.84
N SER A 249 15.70 18.72 2.70
CA SER A 249 17.00 18.17 2.37
C SER A 249 16.88 16.66 2.23
N GLN A 250 17.79 16.07 1.47
CA GLN A 250 17.79 14.63 1.30
C GLN A 250 19.05 14.07 1.95
N ALA A 251 18.89 13.01 2.74
CA ALA A 251 20.01 12.39 3.41
C ALA A 251 20.11 10.92 3.02
N SER A 252 21.32 10.38 3.09
CA SER A 252 21.58 8.99 2.74
C SER A 252 20.91 7.96 3.65
N ASN A 253 19.99 8.39 4.52
CA ASN A 253 19.31 7.45 5.41
C ASN A 253 17.90 7.91 5.71
N ASP A 254 17.14 8.17 4.65
CA ASP A 254 15.76 8.63 4.79
C ASP A 254 14.74 7.52 4.96
N LYS A 255 13.74 7.83 5.79
CA LYS A 255 12.61 6.93 6.11
C LYS A 255 11.74 6.78 4.87
N VAL A 256 11.81 5.60 4.23
CA VAL A 256 11.03 5.30 3.01
C VAL A 256 10.70 6.52 2.11
N SER A 257 11.75 7.20 1.65
CA SER A 257 11.60 8.37 0.78
C SER A 257 10.67 9.46 1.34
N ASP A 258 10.81 9.80 2.62
CA ASP A 258 9.99 10.87 3.21
C ASP A 258 10.63 12.24 2.91
N GLY A 259 11.82 12.20 2.34
CA GLY A 259 12.51 13.43 1.96
C GLY A 259 12.45 13.60 0.46
N PRO A 260 12.75 14.79 -0.04
CA PRO A 260 12.69 14.98 -1.49
C PRO A 260 13.77 14.13 -2.16
N THR A 261 13.51 13.68 -3.38
CA THR A 261 14.50 12.88 -4.08
C THR A 261 15.25 13.78 -5.04
N TYR A 262 16.29 14.43 -4.54
CA TYR A 262 17.10 15.33 -5.36
C TYR A 262 18.16 14.54 -6.14
N VAL A 263 18.54 13.41 -5.59
CA VAL A 263 19.60 12.63 -6.17
C VAL A 263 19.25 11.16 -6.04
N VAL A 264 19.74 10.36 -6.96
CA VAL A 264 19.51 8.92 -6.86
C VAL A 264 20.85 8.21 -7.01
N PRO A 265 21.26 7.49 -5.95
CA PRO A 265 22.49 6.72 -5.81
C PRO A 265 22.52 5.45 -6.63
N SER A 266 23.73 5.08 -7.04
CA SER A 266 23.97 3.91 -7.85
C SER A 266 25.31 3.36 -7.37
N VAL A 267 25.35 2.07 -7.02
CA VAL A 267 26.58 1.47 -6.52
C VAL A 267 26.98 0.18 -7.20
N ASN A 268 28.27 0.06 -7.48
CA ASN A 268 28.85 -1.15 -8.06
C ASN A 268 30.27 -1.21 -7.53
N GLY A 269 30.40 -1.94 -6.43
CA GLY A 269 31.68 -2.09 -5.79
C GLY A 269 32.00 -0.89 -4.94
N ASN A 270 33.21 -0.38 -5.12
CA ASN A 270 33.69 0.76 -4.36
C ASN A 270 33.46 2.06 -5.09
N GLU A 271 32.67 1.98 -6.15
CA GLU A 271 32.37 3.14 -6.96
C GLU A 271 30.92 3.58 -6.73
N LEU A 272 30.76 4.84 -6.33
CA LEU A 272 29.46 5.42 -6.04
C LEU A 272 29.08 6.57 -6.97
N GLN A 273 27.85 6.49 -7.50
CA GLN A 273 27.35 7.53 -8.39
C GLN A 273 26.08 8.16 -7.86
N LEU A 274 26.08 9.48 -7.81
CA LEU A 274 24.92 10.22 -7.37
C LEU A 274 24.36 10.92 -8.60
N ARG A 275 23.23 10.42 -9.09
CA ARG A 275 22.61 11.01 -10.27
C ARG A 275 21.72 12.15 -9.85
N VAL A 276 22.07 13.35 -10.29
CA VAL A 276 21.29 14.54 -9.98
C VAL A 276 20.10 14.64 -10.90
N VAL A 277 18.95 14.46 -10.27
CA VAL A 277 17.68 14.45 -10.94
C VAL A 277 17.29 15.59 -11.87
N ALA A 278 17.46 16.84 -11.45
CA ALA A 278 17.09 17.95 -12.32
C ALA A 278 18.11 19.07 -12.37
N ALA A 279 17.91 20.01 -13.29
CA ALA A 279 18.80 21.15 -13.40
C ALA A 279 18.53 22.00 -12.18
N GLY A 280 19.55 22.69 -11.68
CA GLY A 280 19.35 23.52 -10.51
C GLY A 280 20.65 23.80 -9.82
N LYS A 281 20.56 24.32 -8.61
CA LYS A 281 21.74 24.65 -7.82
C LYS A 281 21.63 23.81 -6.60
N TRP A 282 22.69 23.10 -6.31
CA TRP A 282 22.68 22.20 -5.19
C TRP A 282 24.00 22.25 -4.45
N CYS A 283 23.99 21.67 -3.26
CA CYS A 283 25.16 21.56 -2.43
C CYS A 283 25.12 20.18 -1.82
N ILE A 284 26.07 19.35 -2.21
CA ILE A 284 26.15 17.99 -1.69
C ILE A 284 27.33 17.84 -0.78
N ILE A 285 27.09 17.10 0.30
CA ILE A 285 28.12 16.85 1.29
C ILE A 285 28.34 15.36 1.45
N VAL A 286 29.58 14.94 1.20
CA VAL A 286 29.96 13.54 1.34
C VAL A 286 30.94 13.38 2.50
N ARG A 287 30.62 12.40 3.34
CA ARG A 287 31.39 12.10 4.54
C ARG A 287 31.84 10.64 4.51
N GLY A 288 32.98 10.37 5.14
CA GLY A 288 33.49 9.02 5.23
C GLY A 288 33.85 8.73 6.68
N THR A 289 34.77 7.81 6.89
CA THR A 289 35.18 7.47 8.24
C THR A 289 36.54 6.80 8.27
N VAL A 290 37.53 7.42 7.65
CA VAL A 290 38.86 6.81 7.64
C VAL A 290 40.04 7.76 7.58
N GLU A 291 40.41 8.21 6.38
CA GLU A 291 41.58 9.07 6.24
C GLU A 291 41.73 9.16 4.75
N GLY A 292 41.70 8.01 4.10
CA GLY A 292 41.79 8.02 2.67
C GLY A 292 40.50 7.44 2.17
N GLY A 293 39.51 7.34 3.07
CA GLY A 293 38.20 6.77 2.74
C GLY A 293 37.73 6.76 1.29
N PHE A 294 37.88 7.91 0.62
CA PHE A 294 37.48 8.06 -0.78
C PHE A 294 38.31 9.19 -1.39
N THR A 295 38.54 9.10 -2.69
CA THR A 295 39.31 10.11 -3.41
C THR A 295 38.45 11.30 -3.73
N LYS A 296 39.09 12.44 -4.03
CA LYS A 296 38.37 13.66 -4.41
C LYS A 296 37.38 13.23 -5.48
N PRO A 297 36.09 13.55 -5.27
CA PRO A 297 35.02 13.21 -6.22
C PRO A 297 35.15 13.93 -7.56
N THR A 298 34.55 13.35 -8.58
CA THR A 298 34.66 13.88 -9.91
C THR A 298 33.30 14.11 -10.60
N LEU A 299 33.22 15.14 -11.45
CA LEU A 299 31.98 15.50 -12.15
C LEU A 299 31.80 14.94 -13.57
N ILE A 300 30.71 14.21 -13.78
CA ILE A 300 30.43 13.61 -15.09
C ILE A 300 29.23 14.21 -15.86
N GLY A 301 29.47 14.56 -17.12
CA GLY A 301 28.42 15.10 -17.97
C GLY A 301 28.69 16.53 -18.40
N PRO A 302 28.23 16.95 -19.58
CA PRO A 302 28.48 18.34 -19.99
C PRO A 302 27.43 19.09 -19.20
N GLY A 303 27.64 20.34 -18.87
CA GLY A 303 26.58 21.01 -18.11
C GLY A 303 26.43 20.71 -16.62
N ILE A 304 27.55 20.40 -15.97
CA ILE A 304 27.59 20.20 -14.53
C ILE A 304 28.88 20.93 -14.21
N SER A 305 28.90 21.66 -13.11
CA SER A 305 30.09 22.41 -12.75
C SER A 305 29.97 22.86 -11.31
N GLY A 306 31.04 23.41 -10.77
CA GLY A 306 31.00 23.86 -9.39
C GLY A 306 32.33 23.69 -8.71
N ASP A 307 32.31 23.71 -7.37
CA ASP A 307 33.51 23.58 -6.58
C ASP A 307 33.44 22.33 -5.78
N VAL A 308 34.55 21.61 -5.76
CA VAL A 308 34.60 20.41 -4.96
C VAL A 308 35.71 20.68 -3.97
N ASP A 309 35.31 20.92 -2.73
CA ASP A 309 36.26 21.21 -1.67
C ASP A 309 36.55 19.88 -0.99
N TYR A 310 37.75 19.35 -1.24
CA TYR A 310 38.12 18.05 -0.69
C TYR A 310 39.14 18.06 0.44
N GLU A 311 39.00 17.08 1.33
CA GLU A 311 39.89 16.93 2.48
C GLU A 311 39.93 15.46 2.89
N SER A 312 41.09 14.84 2.71
CA SER A 312 41.27 13.44 3.04
C SER A 312 41.17 13.10 4.53
N ALA A 313 41.90 13.78 5.39
CA ALA A 313 41.83 13.48 6.84
C ALA A 313 40.36 13.62 7.22
N ARG A 314 39.74 12.52 7.67
CA ARG A 314 38.29 12.52 7.96
C ARG A 314 37.72 12.86 6.60
N PRO A 315 37.65 11.85 5.75
CA PRO A 315 37.16 11.96 4.38
C PRO A 315 35.91 12.81 4.24
N ILE A 316 36.08 14.00 3.67
CA ILE A 316 34.95 14.90 3.47
C ILE A 316 35.03 15.78 2.22
N ALA A 317 33.89 15.88 1.53
CA ALA A 317 33.82 16.70 0.32
C ALA A 317 32.58 17.59 0.37
N VAL A 318 32.79 18.85 0.04
CA VAL A 318 31.73 19.84 0.03
C VAL A 318 31.59 20.34 -1.40
N CYS A 319 30.67 19.75 -2.15
CA CYS A 319 30.47 20.12 -3.55
C CYS A 319 29.30 21.04 -3.80
N GLU A 320 29.59 22.26 -4.25
CA GLU A 320 28.59 23.27 -4.55
C GLU A 320 28.46 23.25 -6.06
N LEU A 321 27.42 22.60 -6.53
CA LEU A 321 27.21 22.42 -7.94
C LEU A 321 26.10 23.18 -8.63
N VAL A 322 26.24 23.27 -9.94
CA VAL A 322 25.26 23.91 -10.79
C VAL A 322 25.05 22.94 -11.93
N THR A 323 23.81 22.51 -12.10
CA THR A 323 23.49 21.56 -13.13
C THR A 323 22.51 22.24 -14.11
N GLN A 324 22.90 22.27 -15.40
CA GLN A 324 22.09 22.89 -16.45
C GLN A 324 21.34 21.82 -17.22
N MET A 325 21.21 20.64 -16.64
CA MET A 325 20.56 19.56 -17.36
C MET A 325 20.26 18.41 -16.42
N GLU A 326 19.25 17.63 -16.75
CA GLU A 326 18.88 16.53 -15.89
C GLU A 326 19.86 15.38 -16.00
N GLY A 327 19.90 14.56 -14.95
CA GLY A 327 20.73 13.38 -14.94
C GLY A 327 22.23 13.52 -14.94
N GLN A 328 22.74 14.64 -14.42
CA GLN A 328 24.18 14.79 -14.35
C GLN A 328 24.71 13.89 -13.23
N ILE A 329 26.02 13.63 -13.20
CA ILE A 329 26.59 12.74 -12.20
C ILE A 329 27.79 13.14 -11.36
N LEU A 330 27.71 12.80 -10.08
CA LEU A 330 28.79 13.03 -9.12
C LEU A 330 29.34 11.64 -8.87
N LYS A 331 30.61 11.42 -9.19
CA LYS A 331 31.22 10.12 -9.01
C LYS A 331 32.27 10.13 -7.92
N ILE A 332 32.14 9.18 -6.98
CA ILE A 332 33.06 9.07 -5.87
C ILE A 332 33.48 7.63 -5.66
N THR A 333 34.79 7.41 -5.55
CA THR A 333 35.33 6.07 -5.35
C THR A 333 35.93 5.96 -3.95
N LYS A 334 35.72 4.81 -3.31
CA LYS A 334 36.22 4.61 -1.96
C LYS A 334 37.20 3.43 -1.77
N THR A 335 37.86 3.40 -0.62
CA THR A 335 38.82 2.35 -0.25
C THR A 335 38.03 1.10 0.10
N SER A 336 38.54 -0.07 -0.28
CA SER A 336 37.86 -1.35 0.01
C SER A 336 37.59 -1.49 1.51
N ALA A 337 38.42 -0.81 2.30
CA ALA A 337 38.34 -0.82 3.76
C ALA A 337 37.21 0.08 4.26
N GLU A 338 37.08 1.24 3.61
CA GLU A 338 36.09 2.24 3.96
C GLU A 338 34.63 1.75 3.95
N GLN A 339 33.90 2.22 4.96
CA GLN A 339 32.49 1.93 5.13
C GLN A 339 31.70 2.68 4.05
N PRO A 340 30.50 2.18 3.70
CA PRO A 340 29.70 2.87 2.68
C PRO A 340 29.45 4.31 3.13
N LEU A 341 29.66 5.24 2.21
CA LEU A 341 29.55 6.67 2.47
C LEU A 341 28.21 7.28 2.87
N GLN A 342 28.29 8.46 3.48
CA GLN A 342 27.14 9.21 3.91
C GLN A 342 27.09 10.46 3.05
N TRP A 343 25.88 10.91 2.74
CA TRP A 343 25.75 12.13 1.95
C TRP A 343 24.46 12.83 2.29
N VAL A 344 24.47 14.13 2.03
CA VAL A 344 23.32 14.99 2.28
C VAL A 344 23.31 15.97 1.13
N VAL A 345 22.11 16.32 0.67
CA VAL A 345 22.02 17.27 -0.42
C VAL A 345 20.98 18.36 -0.09
N TYR A 346 21.45 19.60 -0.16
CA TYR A 346 20.66 20.77 0.14
C TYR A 346 20.38 21.56 -1.12
N ARG A 347 19.31 22.35 -1.10
CA ARG A 347 18.97 23.19 -2.24
C ARG A 347 19.75 24.47 -2.03
N MET A 348 20.35 24.99 -3.10
CA MET A 348 21.13 26.19 -2.99
C MET A 348 20.39 27.49 -3.34
N SER B 82 -16.20 4.23 -22.46
CA SER B 82 -17.22 3.79 -21.47
C SER B 82 -18.14 2.69 -22.05
N MET B 83 -17.91 1.46 -21.58
CA MET B 83 -18.64 0.27 -22.02
C MET B 83 -19.51 -0.26 -20.87
N THR B 84 -20.80 -0.49 -21.13
CA THR B 84 -21.69 -1.01 -20.11
C THR B 84 -22.11 -2.42 -20.49
N MET B 85 -21.83 -3.37 -19.62
CA MET B 85 -22.14 -4.77 -19.87
C MET B 85 -23.21 -5.35 -18.95
N SER B 86 -24.13 -6.12 -19.52
CA SER B 86 -25.16 -6.78 -18.70
C SER B 86 -25.18 -8.20 -19.20
N LYS B 87 -24.98 -9.13 -18.29
CA LYS B 87 -24.94 -10.51 -18.72
C LYS B 87 -25.12 -11.39 -17.50
N THR B 88 -25.49 -12.63 -17.75
CA THR B 88 -25.66 -13.58 -16.68
C THR B 88 -24.72 -14.71 -17.04
N GLU B 89 -23.64 -14.85 -16.29
CA GLU B 89 -22.67 -15.91 -16.57
C GLU B 89 -22.68 -16.96 -15.48
N LEU B 90 -22.13 -18.12 -15.82
CA LEU B 90 -22.08 -19.23 -14.87
C LEU B 90 -20.94 -18.97 -13.89
N LEU B 91 -21.26 -18.94 -12.60
CA LEU B 91 -20.23 -18.68 -11.61
C LEU B 91 -19.60 -19.96 -11.09
N SER B 92 -20.39 -20.88 -10.57
CA SER B 92 -19.80 -22.12 -10.06
C SER B 92 -20.80 -23.24 -9.86
N THR B 93 -20.26 -24.42 -9.56
CA THR B 93 -21.09 -25.58 -9.33
C THR B 93 -21.23 -25.74 -7.84
N VAL B 94 -22.42 -26.15 -7.42
CA VAL B 94 -22.69 -26.33 -6.00
C VAL B 94 -22.81 -27.81 -5.69
N LYS B 95 -21.94 -28.28 -4.81
CA LYS B 95 -21.91 -29.68 -4.39
C LYS B 95 -22.39 -29.77 -2.94
N GLY B 96 -22.96 -30.91 -2.60
CA GLY B 96 -23.46 -31.11 -1.25
C GLY B 96 -22.38 -31.28 -0.21
N THR B 97 -22.72 -31.04 1.05
CA THR B 97 -21.78 -31.19 2.15
C THR B 97 -22.47 -32.04 3.21
N THR B 98 -21.79 -33.10 3.61
CA THR B 98 -22.28 -34.02 4.62
C THR B 98 -21.49 -33.68 5.86
N GLY B 99 -21.80 -34.33 6.96
CA GLY B 99 -21.03 -34.07 8.15
C GLY B 99 -21.59 -32.99 9.01
N VAL B 100 -20.76 -32.53 9.94
CA VAL B 100 -21.19 -31.54 10.90
C VAL B 100 -20.33 -30.29 10.91
N ILE B 101 -19.09 -30.43 10.47
CA ILE B 101 -18.21 -29.27 10.45
C ILE B 101 -18.62 -28.45 9.25
N PRO B 102 -18.67 -27.12 9.41
CA PRO B 102 -19.04 -26.17 8.39
C PRO B 102 -18.11 -26.12 7.18
N SER B 103 -18.71 -25.85 6.04
CA SER B 103 -17.98 -25.79 4.79
C SER B 103 -18.20 -24.43 4.11
N PHE B 104 -17.12 -23.75 3.76
CA PHE B 104 -17.22 -22.44 3.11
C PHE B 104 -16.43 -22.28 1.82
N GLU B 105 -16.93 -21.41 0.95
CA GLU B 105 -16.30 -21.11 -0.32
C GLU B 105 -16.45 -19.62 -0.50
N ASP B 106 -15.38 -18.93 -0.85
CA ASP B 106 -15.52 -17.49 -1.02
C ASP B 106 -14.94 -17.00 -2.33
N TRP B 107 -15.32 -15.79 -2.72
CA TRP B 107 -14.80 -15.27 -3.97
C TRP B 107 -14.03 -14.01 -3.98
N VAL B 108 -14.70 -12.85 -4.01
CA VAL B 108 -13.99 -11.55 -3.99
C VAL B 108 -14.66 -10.47 -4.83
N VAL B 109 -14.82 -10.69 -6.13
CA VAL B 109 -15.49 -9.66 -6.92
C VAL B 109 -14.58 -8.52 -7.29
N SER B 110 -14.00 -8.69 -8.46
CA SER B 110 -13.12 -7.75 -9.12
C SER B 110 -13.25 -8.26 -10.53
N PRO B 111 -13.41 -7.37 -11.50
CA PRO B 111 -13.54 -7.89 -12.87
C PRO B 111 -12.31 -8.64 -13.38
N ARG B 112 -11.17 -8.51 -12.68
CA ARG B 112 -9.96 -9.21 -13.09
C ARG B 112 -10.04 -10.70 -12.70
N ASN B 113 -10.98 -11.04 -11.82
CA ASN B 113 -11.08 -12.40 -11.35
C ASN B 113 -11.83 -13.36 -12.26
N VAL B 114 -11.04 -14.16 -12.98
CA VAL B 114 -11.57 -15.14 -13.92
C VAL B 114 -12.60 -16.09 -13.31
N ALA B 115 -12.30 -16.52 -12.08
CA ALA B 115 -13.17 -17.42 -11.34
C ALA B 115 -14.56 -16.86 -11.23
N VAL B 116 -14.67 -15.54 -11.19
CA VAL B 116 -15.98 -14.96 -11.06
C VAL B 116 -16.57 -14.52 -12.37
N PHE B 117 -15.78 -13.87 -13.21
CA PHE B 117 -16.29 -13.42 -14.48
C PHE B 117 -15.46 -14.06 -15.55
N PRO B 118 -15.90 -15.21 -16.03
CA PRO B 118 -15.17 -15.93 -17.07
C PRO B 118 -14.91 -14.99 -18.24
N GLN B 119 -15.96 -14.62 -18.96
CA GLN B 119 -15.80 -13.74 -20.11
C GLN B 119 -15.44 -12.30 -19.75
N LEU B 120 -16.18 -11.72 -18.82
CA LEU B 120 -15.91 -10.35 -18.46
C LEU B 120 -14.45 -10.05 -18.13
N SER B 121 -13.79 -10.96 -17.42
CA SER B 121 -12.38 -10.75 -17.07
C SER B 121 -11.57 -10.48 -18.32
N LEU B 122 -11.91 -11.17 -19.39
CA LEU B 122 -11.20 -10.96 -20.63
C LEU B 122 -11.40 -9.54 -21.15
N LEU B 123 -12.63 -9.04 -21.19
CA LEU B 123 -12.81 -7.69 -21.66
C LEU B 123 -12.10 -6.69 -20.75
N ALA B 124 -12.12 -6.98 -19.45
CA ALA B 124 -11.54 -6.11 -18.44
C ALA B 124 -10.05 -5.79 -18.61
N THR B 125 -9.33 -6.62 -19.33
CA THR B 125 -7.92 -6.42 -19.57
C THR B 125 -7.60 -5.14 -20.32
N ASN B 126 -8.62 -4.45 -20.81
CA ASN B 126 -8.39 -3.26 -21.61
C ASN B 126 -8.86 -1.98 -21.01
N PHE B 127 -9.20 -2.01 -19.73
CA PHE B 127 -9.67 -0.82 -19.06
C PHE B 127 -9.05 -0.65 -17.70
N ASN B 128 -8.98 0.60 -17.27
CA ASN B 128 -8.42 0.92 -15.98
C ASN B 128 -9.42 0.96 -14.83
N LYS B 129 -10.68 1.26 -15.12
CA LYS B 129 -11.68 1.39 -14.06
C LYS B 129 -12.96 0.63 -14.30
N TYR B 130 -13.76 0.50 -13.25
CA TYR B 130 -15.03 -0.18 -13.35
C TYR B 130 -16.00 0.33 -12.30
N ARG B 131 -17.29 0.22 -12.59
CA ARG B 131 -18.31 0.64 -11.65
C ARG B 131 -19.46 -0.33 -11.78
N ILE B 132 -19.86 -0.95 -10.68
CA ILE B 132 -20.96 -1.90 -10.74
C ILE B 132 -22.28 -1.23 -10.50
N THR B 133 -23.16 -1.37 -11.47
CA THR B 133 -24.48 -0.81 -11.42
C THR B 133 -25.45 -1.78 -10.78
N ALA B 134 -25.34 -3.05 -11.12
CA ALA B 134 -26.24 -4.04 -10.58
C ALA B 134 -25.55 -5.38 -10.38
N LEU B 135 -25.93 -6.08 -9.30
CA LEU B 135 -25.32 -7.37 -9.05
C LEU B 135 -26.16 -8.33 -8.22
N THR B 136 -26.39 -9.51 -8.79
CA THR B 136 -27.19 -10.53 -8.14
C THR B 136 -26.61 -11.92 -8.37
N VAL B 137 -26.58 -12.72 -7.33
CA VAL B 137 -26.08 -14.08 -7.44
C VAL B 137 -27.31 -14.93 -7.37
N LYS B 138 -27.51 -15.79 -8.36
CA LYS B 138 -28.70 -16.62 -8.37
C LYS B 138 -28.35 -18.06 -8.19
N TYR B 139 -29.04 -18.71 -7.26
CA TYR B 139 -28.85 -20.13 -7.01
C TYR B 139 -29.86 -20.85 -7.87
N SER B 140 -29.38 -21.69 -8.77
CA SER B 140 -30.28 -22.42 -9.63
C SER B 140 -30.15 -23.90 -9.41
N PRO B 141 -31.11 -24.47 -8.66
CA PRO B 141 -31.11 -25.89 -8.36
C PRO B 141 -31.23 -26.74 -9.60
N ALA B 142 -30.60 -27.90 -9.56
CA ALA B 142 -30.61 -28.89 -10.66
C ALA B 142 -30.85 -30.28 -10.04
N CYS B 143 -31.50 -30.31 -8.89
CA CYS B 143 -31.79 -31.56 -8.20
C CYS B 143 -33.29 -31.74 -8.02
N SER B 144 -33.69 -32.90 -7.55
CA SER B 144 -35.10 -33.22 -7.37
C SER B 144 -35.66 -32.57 -6.12
N PHE B 145 -36.99 -32.54 -6.04
CA PHE B 145 -37.64 -31.98 -4.88
C PHE B 145 -37.39 -32.85 -3.66
N GLU B 146 -37.03 -34.10 -3.87
CA GLU B 146 -36.80 -34.97 -2.74
C GLU B 146 -35.32 -34.97 -2.35
N THR B 147 -34.71 -33.80 -2.40
CA THR B 147 -33.31 -33.63 -2.05
C THR B 147 -33.16 -32.86 -0.73
N ASN B 148 -32.46 -33.42 0.25
CA ASN B 148 -32.28 -32.71 1.52
C ASN B 148 -31.04 -31.86 1.45
N GLY B 149 -30.99 -30.83 2.29
CA GLY B 149 -29.82 -29.97 2.29
C GLY B 149 -30.23 -28.51 2.27
N ARG B 150 -29.27 -27.65 2.57
CA ARG B 150 -29.51 -26.22 2.59
C ARG B 150 -28.34 -25.51 1.97
N VAL B 151 -28.64 -24.39 1.31
CA VAL B 151 -27.64 -23.56 0.65
C VAL B 151 -27.73 -22.13 1.17
N ALA B 152 -26.59 -21.55 1.51
CA ALA B 152 -26.55 -20.19 2.04
C ALA B 152 -25.53 -19.33 1.33
N LEU B 153 -25.87 -18.06 1.13
CA LEU B 153 -25.01 -17.10 0.44
C LEU B 153 -24.88 -15.88 1.27
N GLY B 154 -23.70 -15.29 1.27
CA GLY B 154 -23.48 -14.09 2.07
C GLY B 154 -22.55 -13.15 1.33
N PHE B 155 -22.59 -11.88 1.72
CA PHE B 155 -21.74 -10.88 1.08
C PHE B 155 -21.08 -9.98 2.07
N ASN B 156 -19.86 -9.56 1.78
CA ASN B 156 -19.17 -8.66 2.66
C ASN B 156 -18.58 -7.50 1.90
N ASP B 157 -18.89 -6.33 2.43
CA ASP B 157 -18.46 -5.05 1.94
C ASP B 157 -16.98 -4.93 1.68
N ASP B 158 -16.14 -5.33 2.64
CA ASP B 158 -14.70 -5.22 2.38
C ASP B 158 -13.92 -6.48 2.23
N ALA B 159 -13.43 -6.60 1.02
CA ALA B 159 -12.66 -7.72 0.59
C ALA B 159 -11.42 -7.97 1.46
N SER B 160 -10.97 -6.98 2.22
CA SER B 160 -9.79 -7.19 3.05
C SER B 160 -10.06 -8.12 4.22
N ASP B 161 -11.27 -8.11 4.76
CA ASP B 161 -11.57 -8.96 5.90
C ASP B 161 -11.57 -10.40 5.45
N THR B 162 -11.16 -11.28 6.34
CA THR B 162 -11.11 -12.70 6.04
C THR B 162 -12.49 -13.29 6.02
N PRO B 163 -12.65 -14.37 5.26
CA PRO B 163 -13.98 -15.02 5.20
C PRO B 163 -14.30 -15.60 6.56
N PRO B 164 -15.55 -15.92 6.81
CA PRO B 164 -15.97 -16.48 8.09
C PRO B 164 -15.40 -17.87 8.21
N THR B 165 -15.14 -18.29 9.44
CA THR B 165 -14.62 -19.62 9.62
C THR B 165 -15.59 -20.38 10.53
N THR B 166 -16.62 -19.67 11.00
CA THR B 166 -17.65 -20.26 11.88
C THR B 166 -19.02 -19.93 11.33
N LYS B 167 -20.00 -20.79 11.57
CA LYS B 167 -21.34 -20.49 11.08
C LYS B 167 -21.90 -19.23 11.74
N VAL B 168 -21.33 -18.80 12.85
CA VAL B 168 -21.83 -17.62 13.51
C VAL B 168 -21.39 -16.36 12.75
N GLY B 169 -20.13 -16.39 12.31
CA GLY B 169 -19.56 -15.27 11.57
C GLY B 169 -20.43 -14.98 10.38
N PHE B 170 -20.69 -16.02 9.62
CA PHE B 170 -21.57 -15.94 8.46
C PHE B 170 -22.85 -15.83 9.25
N TYR B 171 -23.59 -14.75 9.13
CA TYR B 171 -24.87 -14.52 9.87
C TYR B 171 -24.73 -13.20 10.57
N ASP B 172 -23.50 -12.89 10.92
CA ASP B 172 -23.18 -11.61 11.48
C ASP B 172 -22.76 -10.75 10.29
N LEU B 173 -22.65 -11.38 9.13
CA LEU B 173 -22.28 -10.70 7.89
C LEU B 173 -23.37 -9.74 7.47
N GLY B 174 -22.97 -8.71 6.74
CA GLY B 174 -23.91 -7.70 6.27
C GLY B 174 -25.16 -8.28 5.64
N LYS B 175 -25.01 -9.10 4.61
CA LYS B 175 -26.17 -9.71 3.98
C LYS B 175 -26.00 -11.19 3.79
N HIS B 176 -27.09 -11.93 3.94
CA HIS B 176 -27.06 -13.38 3.74
C HIS B 176 -28.45 -13.89 3.46
N VAL B 177 -28.50 -15.00 2.75
CA VAL B 177 -29.76 -15.62 2.36
C VAL B 177 -29.56 -17.13 2.40
N GLU B 178 -30.54 -17.87 2.90
CA GLU B 178 -30.43 -19.32 2.94
C GLU B 178 -31.65 -19.86 2.21
N THR B 179 -31.51 -21.04 1.59
CA THR B 179 -32.60 -21.66 0.83
C THR B 179 -32.45 -23.17 0.86
N ALA B 180 -33.57 -23.84 0.60
CA ALA B 180 -33.58 -25.28 0.55
C ALA B 180 -32.85 -25.64 -0.72
N ALA B 181 -32.13 -26.74 -0.69
CA ALA B 181 -31.36 -27.18 -1.85
C ALA B 181 -32.14 -27.26 -3.16
N GLN B 182 -33.40 -27.67 -3.09
CA GLN B 182 -34.18 -27.79 -4.32
C GLN B 182 -34.97 -26.55 -4.67
N THR B 183 -34.68 -25.44 -4.00
CA THR B 183 -35.40 -24.22 -4.27
C THR B 183 -34.54 -23.05 -4.71
N ALA B 184 -34.88 -22.46 -5.85
CA ALA B 184 -34.13 -21.32 -6.38
C ALA B 184 -34.18 -20.12 -5.42
N LYS B 185 -33.14 -19.28 -5.43
CA LYS B 185 -33.13 -18.12 -4.53
C LYS B 185 -32.08 -17.11 -4.98
N ASP B 186 -32.38 -15.82 -4.85
CA ASP B 186 -31.43 -14.79 -5.27
C ASP B 186 -30.81 -13.99 -4.15
N LEU B 187 -29.56 -13.58 -4.34
CA LEU B 187 -28.89 -12.75 -3.36
C LEU B 187 -28.59 -11.46 -4.10
N VAL B 188 -29.35 -10.41 -3.82
CA VAL B 188 -29.07 -9.18 -4.53
C VAL B 188 -28.19 -8.30 -3.69
N ILE B 189 -26.98 -8.14 -4.19
CA ILE B 189 -25.95 -7.37 -3.56
C ILE B 189 -26.18 -5.90 -3.78
N PRO B 190 -25.95 -5.10 -2.74
CA PRO B 190 -26.07 -3.64 -2.70
C PRO B 190 -24.96 -3.01 -3.51
N VAL B 191 -25.18 -1.78 -3.94
CA VAL B 191 -24.21 -1.12 -4.77
C VAL B 191 -23.93 0.31 -4.33
N ASP B 192 -22.64 0.70 -4.24
CA ASP B 192 -22.31 2.11 -3.93
C ASP B 192 -22.03 2.71 -5.30
N GLY B 193 -22.09 4.03 -5.42
CA GLY B 193 -21.84 4.59 -6.73
C GLY B 193 -20.37 4.66 -7.10
N LYS B 194 -19.52 4.16 -6.21
CA LYS B 194 -18.09 4.22 -6.42
C LYS B 194 -17.55 3.59 -7.68
N THR B 195 -16.68 4.35 -8.33
CA THR B 195 -15.98 3.92 -9.53
C THR B 195 -14.56 3.70 -9.07
N ARG B 196 -14.04 2.49 -9.21
CA ARG B 196 -12.67 2.26 -8.79
C ARG B 196 -11.80 1.60 -9.83
N PHE B 197 -10.49 1.66 -9.54
CA PHE B 197 -9.49 1.07 -10.43
C PHE B 197 -9.61 -0.41 -10.41
N ILE B 198 -9.23 -1.03 -11.50
CA ILE B 198 -9.25 -2.46 -11.56
C ILE B 198 -7.89 -2.88 -11.04
N ARG B 199 -7.88 -3.80 -10.09
CA ARG B 199 -6.63 -4.28 -9.49
C ARG B 199 -5.57 -4.57 -10.53
N ASP B 200 -4.33 -4.18 -10.23
CA ASP B 200 -3.17 -4.38 -11.10
C ASP B 200 -2.21 -5.46 -10.62
N SER B 201 -2.13 -5.67 -9.31
CA SER B 201 -1.25 -6.68 -8.76
C SER B 201 -1.64 -7.02 -7.34
N ALA B 202 -0.88 -7.94 -6.76
CA ALA B 202 -1.14 -8.40 -5.41
C ALA B 202 -0.93 -7.32 -4.41
N SER B 203 -0.03 -6.39 -4.69
CA SER B 203 0.21 -5.34 -3.73
C SER B 203 -0.81 -4.22 -3.74
N ASP B 204 -1.92 -4.41 -4.43
CA ASP B 204 -2.92 -3.36 -4.44
C ASP B 204 -3.76 -3.41 -3.19
N ASP B 205 -4.43 -2.31 -2.88
CA ASP B 205 -5.22 -2.32 -1.66
C ASP B 205 -6.62 -2.86 -1.88
N ALA B 206 -6.94 -3.98 -1.23
CA ALA B 206 -8.26 -4.56 -1.36
C ALA B 206 -9.38 -3.58 -1.05
N LYS B 207 -9.18 -2.75 -0.03
CA LYS B 207 -10.22 -1.80 0.36
C LYS B 207 -10.44 -0.72 -0.67
N LEU B 208 -9.44 -0.48 -1.49
CA LEU B 208 -9.55 0.57 -2.49
C LEU B 208 -9.89 0.04 -3.87
N VAL B 209 -9.44 -1.16 -4.15
CA VAL B 209 -9.61 -1.66 -5.49
C VAL B 209 -10.64 -2.78 -5.74
N ASP B 210 -10.98 -3.54 -4.71
CA ASP B 210 -11.94 -4.63 -4.85
C ASP B 210 -13.33 -4.27 -4.36
N PHE B 211 -14.31 -4.93 -4.93
CA PHE B 211 -15.68 -4.67 -4.61
C PHE B 211 -16.29 -5.18 -3.31
N GLY B 212 -15.96 -6.40 -2.95
CA GLY B 212 -16.51 -6.99 -1.74
C GLY B 212 -16.12 -8.47 -1.73
N ARG B 213 -16.92 -9.35 -1.15
CA ARG B 213 -16.56 -10.77 -1.16
C ARG B 213 -17.82 -11.59 -0.99
N ILE B 214 -17.90 -12.67 -1.76
CA ILE B 214 -19.05 -13.54 -1.72
C ILE B 214 -18.70 -14.81 -0.99
N VAL B 215 -19.67 -15.33 -0.23
CA VAL B 215 -19.42 -16.54 0.51
C VAL B 215 -20.55 -17.53 0.32
N LEU B 216 -20.20 -18.79 0.13
CA LEU B 216 -21.18 -19.84 -0.05
C LEU B 216 -20.97 -20.87 1.04
N SER B 217 -22.07 -21.43 1.54
CA SER B 217 -22.00 -22.46 2.56
C SER B 217 -23.07 -23.51 2.28
N THR B 218 -22.71 -24.75 2.56
CA THR B 218 -23.57 -25.88 2.28
C THR B 218 -23.63 -26.85 3.44
N TYR B 219 -24.82 -27.38 3.71
CA TYR B 219 -24.97 -28.32 4.81
C TYR B 219 -26.28 -29.06 4.78
N GLY B 220 -26.32 -30.13 5.55
CA GLY B 220 -27.52 -30.93 5.64
C GLY B 220 -27.74 -31.92 4.50
N PHE B 221 -26.74 -32.14 3.67
CA PHE B 221 -26.91 -33.10 2.58
C PHE B 221 -26.60 -34.47 3.08
N ASP B 222 -27.20 -35.47 2.46
CA ASP B 222 -26.92 -36.81 2.90
C ASP B 222 -26.09 -37.62 1.91
N LYS B 223 -25.39 -36.92 1.02
CA LYS B 223 -24.54 -37.61 0.07
C LYS B 223 -23.42 -36.64 -0.22
N ALA B 224 -22.19 -37.11 -0.04
CA ALA B 224 -20.95 -36.36 -0.22
C ALA B 224 -20.89 -35.31 -1.33
N ASP B 225 -19.82 -35.34 -2.13
CA ASP B 225 -19.66 -34.39 -3.23
C ASP B 225 -20.62 -34.92 -4.27
N THR B 226 -21.47 -34.03 -4.76
CA THR B 226 -22.48 -34.41 -5.72
C THR B 226 -23.09 -33.07 -6.12
N VAL B 227 -23.27 -32.81 -7.41
CA VAL B 227 -23.83 -31.52 -7.80
C VAL B 227 -25.32 -31.44 -7.58
N VAL B 228 -25.78 -30.33 -7.02
CA VAL B 228 -27.20 -30.16 -6.75
C VAL B 228 -27.72 -28.96 -7.48
N GLY B 229 -26.81 -28.07 -7.86
CA GLY B 229 -27.18 -26.86 -8.57
C GLY B 229 -25.94 -26.10 -8.95
N GLU B 230 -26.13 -24.92 -9.51
CA GLU B 230 -25.03 -24.07 -9.92
C GLU B 230 -25.45 -22.66 -9.55
N LEU B 231 -24.50 -21.76 -9.39
CA LEU B 231 -24.90 -20.39 -9.15
C LEU B 231 -24.37 -19.53 -10.27
N PHE B 232 -25.26 -18.69 -10.74
CA PHE B 232 -25.01 -17.79 -11.85
C PHE B 232 -24.91 -16.37 -11.33
N ILE B 233 -24.07 -15.58 -11.99
CA ILE B 233 -23.91 -14.19 -11.61
C ILE B 233 -24.53 -13.31 -12.69
N GLN B 234 -25.45 -12.47 -12.25
CA GLN B 234 -26.16 -11.57 -13.14
C GLN B 234 -25.68 -10.19 -12.80
N TYR B 235 -25.06 -9.53 -13.75
CA TYR B 235 -24.52 -8.22 -13.49
C TYR B 235 -24.74 -7.17 -14.56
N THR B 236 -24.34 -5.97 -14.19
CA THR B 236 -24.37 -4.81 -15.05
C THR B 236 -23.27 -3.96 -14.50
N ILE B 237 -22.13 -3.94 -15.19
CA ILE B 237 -21.04 -3.14 -14.72
C ILE B 237 -20.59 -2.28 -15.87
N VAL B 238 -19.91 -1.19 -15.54
CA VAL B 238 -19.42 -0.25 -16.53
C VAL B 238 -17.92 -0.18 -16.52
N LEU B 239 -17.34 -0.55 -17.66
CA LEU B 239 -15.88 -0.48 -17.83
C LEU B 239 -15.54 0.89 -18.39
N SER B 240 -14.44 1.48 -17.94
CA SER B 240 -14.07 2.80 -18.45
C SER B 240 -12.60 3.05 -18.38
N ASP B 241 -12.18 4.13 -19.05
CA ASP B 241 -10.79 4.54 -19.01
C ASP B 241 -9.97 3.45 -19.67
N PRO B 242 -10.15 3.30 -20.99
CA PRO B 242 -9.42 2.28 -21.74
C PRO B 242 -7.92 2.52 -21.63
N THR B 243 -7.15 1.44 -21.63
CA THR B 243 -5.72 1.53 -21.49
C THR B 243 -5.10 0.39 -22.28
N LYS B 244 -3.80 0.21 -22.08
CA LYS B 244 -3.07 -0.86 -22.73
C LYS B 244 -3.52 -2.18 -22.14
N THR B 245 -3.55 -3.22 -22.97
CA THR B 245 -4.00 -4.53 -22.50
C THR B 245 -3.12 -5.16 -21.44
N ALA B 246 -3.72 -5.55 -20.32
CA ALA B 246 -2.97 -6.20 -19.24
C ALA B 246 -2.39 -7.52 -19.76
N LYS B 247 -1.51 -8.17 -19.01
CA LYS B 247 -0.96 -9.40 -19.56
C LYS B 247 -1.95 -10.53 -19.49
N ILE B 248 -1.91 -11.39 -20.50
CA ILE B 248 -2.84 -12.51 -20.61
C ILE B 248 -2.35 -13.90 -20.21
N SER B 249 -1.05 -14.09 -20.11
CA SER B 249 -0.55 -15.40 -19.75
C SER B 249 -0.16 -15.37 -18.28
N GLN B 250 -0.12 -16.55 -17.67
CA GLN B 250 0.31 -16.65 -16.28
C GLN B 250 1.56 -17.52 -16.28
N ALA B 251 2.60 -17.10 -15.54
CA ALA B 251 3.85 -17.85 -15.50
C ALA B 251 4.33 -18.18 -14.08
N SER B 252 5.15 -19.21 -13.95
CA SER B 252 5.69 -19.64 -12.66
C SER B 252 6.39 -18.54 -11.90
N ASN B 253 7.11 -17.69 -12.63
CA ASN B 253 7.85 -16.61 -12.00
C ASN B 253 7.15 -15.27 -12.12
N ASP B 254 5.83 -15.26 -12.00
CA ASP B 254 5.12 -14.00 -12.09
C ASP B 254 5.28 -13.18 -10.84
N LYS B 255 6.11 -12.16 -11.00
CA LYS B 255 6.43 -11.20 -9.95
C LYS B 255 5.21 -10.34 -9.60
N VAL B 256 4.91 -10.28 -8.30
CA VAL B 256 3.79 -9.49 -7.75
C VAL B 256 2.44 -9.86 -8.40
N SER B 257 2.36 -11.08 -8.96
CA SER B 257 1.16 -11.56 -9.64
C SER B 257 0.50 -10.47 -10.50
N ASP B 258 1.31 -9.77 -11.29
CA ASP B 258 0.79 -8.72 -12.17
C ASP B 258 0.10 -9.39 -13.36
N GLY B 259 0.14 -10.72 -13.38
CA GLY B 259 -0.51 -11.50 -14.42
C GLY B 259 -1.83 -12.03 -13.91
N PRO B 260 -2.68 -12.60 -14.77
CA PRO B 260 -3.97 -13.14 -14.31
C PRO B 260 -3.79 -14.44 -13.55
N THR B 261 -4.80 -14.81 -12.77
CA THR B 261 -4.71 -16.05 -12.02
C THR B 261 -5.64 -17.11 -12.59
N TYR B 262 -5.11 -17.88 -13.51
CA TYR B 262 -5.85 -18.95 -14.17
C TYR B 262 -5.73 -20.24 -13.40
N VAL B 263 -4.57 -20.38 -12.78
CA VAL B 263 -4.25 -21.58 -12.05
C VAL B 263 -3.52 -21.27 -10.75
N VAL B 264 -3.80 -22.07 -9.72
CA VAL B 264 -3.13 -21.92 -8.43
C VAL B 264 -2.42 -23.24 -8.09
N PRO B 265 -1.11 -23.16 -7.87
CA PRO B 265 -0.26 -24.30 -7.55
C PRO B 265 -0.16 -24.64 -6.07
N SER B 266 0.06 -25.91 -5.79
CA SER B 266 0.24 -26.40 -4.43
C SER B 266 1.30 -27.47 -4.57
N VAL B 267 2.35 -27.33 -3.77
CA VAL B 267 3.46 -28.28 -3.81
C VAL B 267 3.50 -29.20 -2.62
N ASN B 268 3.63 -30.49 -2.89
CA ASN B 268 3.73 -31.49 -1.85
C ASN B 268 4.99 -32.33 -2.08
N GLY B 269 6.12 -31.79 -1.66
CA GLY B 269 7.37 -32.48 -1.84
C GLY B 269 7.74 -32.53 -3.32
N ASN B 270 7.71 -33.72 -3.90
CA ASN B 270 8.09 -33.86 -5.30
C ASN B 270 6.93 -33.90 -6.26
N GLU B 271 5.74 -33.72 -5.70
CA GLU B 271 4.51 -33.73 -6.47
C GLU B 271 3.98 -32.30 -6.58
N LEU B 272 3.67 -31.91 -7.80
CA LEU B 272 3.17 -30.58 -8.08
C LEU B 272 1.74 -30.63 -8.57
N GLN B 273 0.93 -29.69 -8.09
CA GLN B 273 -0.47 -29.62 -8.46
C GLN B 273 -0.90 -28.26 -8.96
N LEU B 274 -1.46 -28.23 -10.16
CA LEU B 274 -1.96 -26.98 -10.71
C LEU B 274 -3.46 -27.09 -10.74
N ARG B 275 -4.11 -26.22 -9.99
CA ARG B 275 -5.56 -26.25 -9.92
C ARG B 275 -6.16 -25.21 -10.86
N VAL B 276 -6.86 -25.68 -11.87
CA VAL B 276 -7.47 -24.77 -12.82
C VAL B 276 -8.69 -24.14 -12.19
N VAL B 277 -8.52 -22.87 -11.90
CA VAL B 277 -9.52 -22.06 -11.26
C VAL B 277 -10.91 -21.99 -11.89
N ALA B 278 -10.99 -21.91 -13.20
CA ALA B 278 -12.30 -21.81 -13.83
C ALA B 278 -12.48 -22.79 -14.95
N ALA B 279 -13.70 -22.87 -15.49
CA ALA B 279 -13.95 -23.77 -16.60
C ALA B 279 -13.48 -22.98 -17.82
N GLY B 280 -13.06 -23.67 -18.87
CA GLY B 280 -12.59 -22.98 -20.05
C GLY B 280 -11.59 -23.78 -20.83
N LYS B 281 -11.05 -23.20 -21.90
CA LYS B 281 -10.06 -23.88 -22.73
C LYS B 281 -8.74 -23.27 -22.37
N TRP B 282 -7.76 -24.11 -22.11
CA TRP B 282 -6.46 -23.63 -21.69
C TRP B 282 -5.35 -24.45 -22.30
N CYS B 283 -4.16 -23.88 -22.22
CA CYS B 283 -2.97 -24.53 -22.69
C CYS B 283 -1.89 -24.27 -21.66
N ILE B 284 -1.35 -25.33 -21.11
CA ILE B 284 -0.31 -25.21 -20.09
C ILE B 284 0.94 -25.89 -20.57
N ILE B 285 2.07 -25.22 -20.34
CA ILE B 285 3.34 -25.76 -20.74
C ILE B 285 4.28 -25.97 -19.57
N VAL B 286 4.64 -27.21 -19.35
CA VAL B 286 5.55 -27.53 -18.28
C VAL B 286 6.93 -27.85 -18.83
N ARG B 287 7.93 -27.26 -18.18
CA ARG B 287 9.31 -27.37 -18.58
C ARG B 287 10.18 -27.80 -17.39
N GLY B 288 11.23 -28.56 -17.68
CA GLY B 288 12.15 -29.00 -16.64
C GLY B 288 13.61 -28.86 -17.06
N THR B 289 14.50 -29.20 -16.14
CA THR B 289 15.94 -29.11 -16.34
C THR B 289 16.65 -30.36 -16.84
N VAL B 290 16.56 -31.44 -16.06
CA VAL B 290 17.23 -32.71 -16.34
C VAL B 290 16.92 -33.49 -17.59
N GLU B 291 16.09 -34.52 -17.48
CA GLU B 291 15.74 -35.34 -18.62
C GLU B 291 14.75 -36.32 -18.09
N GLY B 292 15.05 -36.84 -16.91
CA GLY B 292 14.11 -37.73 -16.27
C GLY B 292 13.08 -36.78 -15.69
N GLY B 293 13.53 -35.54 -15.48
CA GLY B 293 12.75 -34.45 -14.95
C GLY B 293 11.47 -34.74 -14.17
N PHE B 294 10.42 -35.07 -14.90
CA PHE B 294 9.12 -35.38 -14.33
C PHE B 294 8.44 -36.38 -15.25
N THR B 295 7.55 -37.17 -14.68
CA THR B 295 6.79 -38.18 -15.40
C THR B 295 5.71 -37.47 -16.21
N LYS B 296 5.20 -38.13 -17.24
CA LYS B 296 4.11 -37.54 -18.02
C LYS B 296 3.06 -37.13 -17.00
N PRO B 297 2.56 -35.90 -17.12
CA PRO B 297 1.54 -35.34 -16.22
C PRO B 297 0.19 -36.02 -16.35
N THR B 298 -0.60 -35.91 -15.29
CA THR B 298 -1.88 -36.56 -15.26
C THR B 298 -3.07 -35.63 -14.93
N LEU B 299 -4.23 -35.91 -15.52
CA LEU B 299 -5.45 -35.11 -15.32
C LEU B 299 -6.33 -35.66 -14.20
N ILE B 300 -6.52 -34.86 -13.15
CA ILE B 300 -7.31 -35.27 -12.02
C ILE B 300 -8.66 -34.58 -11.95
N GLY B 301 -9.70 -35.39 -11.78
CA GLY B 301 -11.05 -34.91 -11.64
C GLY B 301 -11.92 -35.14 -12.86
N PRO B 302 -13.26 -35.13 -12.69
CA PRO B 302 -14.12 -35.34 -13.87
C PRO B 302 -14.20 -33.94 -14.49
N GLY B 303 -14.85 -33.82 -15.64
CA GLY B 303 -14.94 -32.49 -16.20
C GLY B 303 -13.62 -31.82 -16.60
N ILE B 304 -12.69 -32.64 -17.05
CA ILE B 304 -11.41 -32.14 -17.52
C ILE B 304 -10.90 -33.16 -18.49
N SER B 305 -10.62 -32.71 -19.70
CA SER B 305 -10.14 -33.60 -20.73
C SER B 305 -9.21 -32.79 -21.59
N GLY B 306 -8.40 -33.47 -22.38
CA GLY B 306 -7.46 -32.75 -23.21
C GLY B 306 -6.46 -33.66 -23.87
N ASP B 307 -5.37 -33.05 -24.31
CA ASP B 307 -4.34 -33.76 -25.00
C ASP B 307 -3.02 -33.43 -24.31
N VAL B 308 -2.30 -34.46 -23.88
CA VAL B 308 -1.01 -34.24 -23.22
C VAL B 308 0.13 -34.76 -24.09
N ASP B 309 0.91 -33.84 -24.64
CA ASP B 309 2.03 -34.15 -25.50
C ASP B 309 3.27 -34.12 -24.61
N TYR B 310 3.85 -35.29 -24.36
CA TYR B 310 5.00 -35.38 -23.47
C TYR B 310 6.30 -35.83 -24.11
N GLU B 311 7.40 -35.24 -23.64
CA GLU B 311 8.72 -35.58 -24.15
C GLU B 311 9.73 -35.58 -23.02
N SER B 312 10.17 -36.80 -22.69
CA SER B 312 11.14 -37.03 -21.62
C SER B 312 12.42 -36.20 -21.71
N ALA B 313 13.22 -36.42 -22.76
CA ALA B 313 14.49 -35.67 -22.95
C ALA B 313 14.17 -34.20 -22.94
N ARG B 314 14.83 -33.43 -22.06
CA ARG B 314 14.54 -31.99 -21.89
C ARG B 314 13.09 -32.11 -21.47
N PRO B 315 12.87 -32.41 -20.21
CA PRO B 315 11.51 -32.57 -19.70
C PRO B 315 10.54 -31.46 -20.14
N ILE B 316 9.60 -31.84 -21.01
CA ILE B 316 8.61 -30.89 -21.48
C ILE B 316 7.24 -31.50 -21.76
N ALA B 317 6.20 -30.77 -21.37
CA ALA B 317 4.84 -31.23 -21.59
C ALA B 317 4.00 -30.09 -22.12
N VAL B 318 3.18 -30.40 -23.12
CA VAL B 318 2.31 -29.41 -23.73
C VAL B 318 0.89 -29.94 -23.62
N CYS B 319 0.13 -29.37 -22.68
CA CYS B 319 -1.24 -29.79 -22.44
C CYS B 319 -2.31 -28.82 -22.90
N GLU B 320 -3.14 -29.29 -23.83
CA GLU B 320 -4.21 -28.49 -24.36
C GLU B 320 -5.43 -29.07 -23.70
N LEU B 321 -5.92 -28.33 -22.70
CA LEU B 321 -7.04 -28.76 -21.88
C LEU B 321 -8.37 -28.07 -22.03
N VAL B 322 -9.41 -28.75 -21.56
CA VAL B 322 -10.76 -28.23 -21.55
C VAL B 322 -11.35 -28.59 -20.19
N THR B 323 -11.42 -27.59 -19.33
CA THR B 323 -11.96 -27.77 -18.01
C THR B 323 -13.42 -27.34 -18.14
N GLN B 324 -14.32 -28.25 -17.81
CA GLN B 324 -15.76 -28.03 -17.91
C GLN B 324 -16.36 -27.75 -16.53
N MET B 325 -15.51 -27.36 -15.58
CA MET B 325 -15.97 -27.13 -14.21
C MET B 325 -14.83 -26.48 -13.41
N GLU B 326 -15.15 -25.80 -12.31
CA GLU B 326 -14.10 -25.16 -11.54
C GLU B 326 -13.19 -26.21 -10.93
N GLY B 327 -12.06 -25.72 -10.42
CA GLY B 327 -11.08 -26.55 -9.73
C GLY B 327 -10.61 -27.90 -10.25
N GLN B 328 -10.42 -28.06 -11.56
CA GLN B 328 -9.90 -29.34 -12.05
C GLN B 328 -8.39 -29.37 -11.80
N ILE B 329 -7.75 -30.53 -11.91
CA ILE B 329 -6.32 -30.60 -11.60
C ILE B 329 -5.30 -31.24 -12.53
N LEU B 330 -4.14 -30.60 -12.65
CA LEU B 330 -3.02 -31.12 -13.44
C LEU B 330 -1.98 -31.56 -12.41
N LYS B 331 -1.56 -32.83 -12.48
CA LYS B 331 -0.61 -33.39 -11.53
C LYS B 331 0.67 -33.82 -12.19
N ILE B 332 1.79 -33.33 -11.66
CA ILE B 332 3.10 -33.68 -12.20
C ILE B 332 4.07 -34.03 -11.08
N THR B 333 4.79 -35.13 -11.26
CA THR B 333 5.75 -35.55 -10.25
C THR B 333 7.15 -35.53 -10.86
N LYS B 334 8.04 -34.83 -10.18
CA LYS B 334 9.42 -34.70 -10.64
C LYS B 334 10.35 -35.59 -9.82
N THR B 335 11.61 -35.65 -10.22
CA THR B 335 12.63 -36.43 -9.51
C THR B 335 13.22 -35.50 -8.47
N SER B 336 13.81 -36.07 -7.41
CA SER B 336 14.42 -35.24 -6.37
C SER B 336 15.58 -34.50 -7.04
N ALA B 337 16.06 -35.10 -8.13
CA ALA B 337 17.13 -34.57 -8.95
C ALA B 337 16.72 -33.23 -9.55
N GLU B 338 15.45 -33.16 -9.98
CA GLU B 338 14.89 -31.98 -10.60
C GLU B 338 14.69 -30.80 -9.70
N GLN B 339 14.85 -29.63 -10.29
CA GLN B 339 14.62 -28.39 -9.57
C GLN B 339 13.14 -28.10 -9.78
N PRO B 340 12.54 -27.22 -8.94
CA PRO B 340 11.13 -26.92 -9.11
C PRO B 340 10.81 -26.59 -10.56
N LEU B 341 9.69 -27.13 -11.04
CA LEU B 341 9.28 -26.97 -12.41
C LEU B 341 8.77 -25.60 -12.80
N GLN B 342 8.79 -25.37 -14.11
CA GLN B 342 8.34 -24.13 -14.72
C GLN B 342 7.11 -24.39 -15.56
N TRP B 343 6.26 -23.38 -15.66
CA TRP B 343 5.01 -23.48 -16.41
C TRP B 343 4.40 -22.13 -16.76
N VAL B 344 3.59 -22.14 -17.82
CA VAL B 344 2.86 -20.96 -18.26
C VAL B 344 1.50 -21.45 -18.69
N VAL B 345 0.53 -20.54 -18.63
CA VAL B 345 -0.82 -20.88 -19.03
C VAL B 345 -1.33 -19.84 -20.00
N TYR B 346 -1.84 -20.31 -21.12
CA TYR B 346 -2.41 -19.45 -22.14
C TYR B 346 -3.88 -19.74 -22.25
N ARG B 347 -4.64 -18.73 -22.68
CA ARG B 347 -6.06 -18.87 -22.86
C ARG B 347 -6.23 -19.31 -24.30
N MET B 348 -7.00 -20.36 -24.52
CA MET B 348 -7.20 -20.88 -25.86
C MET B 348 -8.41 -20.24 -26.54
N LYS C 81 -28.39 -1.46 9.34
CA LYS C 81 -28.61 -0.42 10.39
C LYS C 81 -27.32 0.28 10.67
N SER C 82 -27.30 1.12 11.70
CA SER C 82 -26.09 1.87 12.06
C SER C 82 -26.37 2.60 13.35
N MET C 83 -25.34 2.80 14.17
CA MET C 83 -25.53 3.46 15.44
C MET C 83 -24.72 4.70 15.59
N THR C 84 -25.25 5.63 16.39
CA THR C 84 -24.52 6.86 16.61
C THR C 84 -24.35 7.05 18.12
N MET C 85 -23.11 7.32 18.53
CA MET C 85 -22.77 7.48 19.94
C MET C 85 -22.13 8.81 20.23
N SER C 86 -22.31 9.28 21.46
CA SER C 86 -21.68 10.52 21.89
C SER C 86 -21.21 10.28 23.29
N LYS C 87 -19.98 10.71 23.57
CA LYS C 87 -19.45 10.48 24.89
C LYS C 87 -18.19 11.30 25.07
N THR C 88 -17.88 11.58 26.32
CA THR C 88 -16.66 12.28 26.65
C THR C 88 -15.80 11.27 27.37
N GLU C 89 -14.52 11.28 27.03
CA GLU C 89 -13.61 10.34 27.66
C GLU C 89 -12.29 11.02 28.00
N LEU C 90 -11.60 10.48 28.99
CA LEU C 90 -10.32 11.06 29.38
C LEU C 90 -9.28 10.62 28.38
N LEU C 91 -8.60 11.59 27.84
CA LEU C 91 -7.59 11.33 26.85
C LEU C 91 -6.21 11.25 27.48
N SER C 92 -5.92 12.16 28.40
CA SER C 92 -4.60 12.18 29.00
C SER C 92 -4.50 13.05 30.23
N THR C 93 -3.43 12.84 31.00
CA THR C 93 -3.14 13.65 32.17
C THR C 93 -1.89 14.43 31.80
N VAL C 94 -1.98 15.74 31.94
CA VAL C 94 -0.87 16.58 31.55
C VAL C 94 0.16 16.87 32.62
N LYS C 95 1.41 16.55 32.32
CA LYS C 95 2.52 16.81 33.24
C LYS C 95 3.26 18.03 32.73
N GLY C 96 3.86 18.79 33.65
CA GLY C 96 4.61 19.97 33.28
C GLY C 96 5.90 19.63 32.54
N THR C 97 6.38 20.55 31.72
CA THR C 97 7.61 20.32 30.99
C THR C 97 8.52 21.50 31.23
N THR C 98 9.77 21.19 31.48
CA THR C 98 10.71 22.24 31.76
C THR C 98 11.46 22.83 30.59
N GLY C 99 11.74 24.12 30.70
CA GLY C 99 12.52 24.76 29.67
C GLY C 99 11.83 25.14 28.39
N VAL C 100 12.65 25.67 27.49
CA VAL C 100 12.22 26.16 26.21
C VAL C 100 11.97 25.08 25.17
N ILE C 101 12.46 23.87 25.43
CA ILE C 101 12.22 22.83 24.46
C ILE C 101 10.92 22.10 24.69
N PRO C 102 10.07 22.12 23.67
CA PRO C 102 8.76 21.49 23.67
C PRO C 102 8.79 19.99 23.84
N SER C 103 7.75 19.47 24.49
CA SER C 103 7.55 18.04 24.66
C SER C 103 6.31 17.74 23.88
N PHE C 104 6.31 16.65 23.14
CA PHE C 104 5.12 16.34 22.37
C PHE C 104 4.46 15.01 22.68
N GLU C 105 3.17 14.91 22.35
CA GLU C 105 2.41 13.68 22.54
C GLU C 105 1.41 13.69 21.40
N ASP C 106 1.14 12.53 20.83
CA ASP C 106 0.20 12.51 19.74
C ASP C 106 -0.71 11.33 19.77
N TRP C 107 -1.85 11.47 19.09
CA TRP C 107 -2.80 10.38 19.02
C TRP C 107 -3.35 10.33 17.63
N VAL C 108 -3.60 9.11 17.18
CA VAL C 108 -4.14 8.91 15.86
C VAL C 108 -5.60 8.66 16.03
N VAL C 109 -6.42 9.46 15.36
CA VAL C 109 -7.85 9.27 15.50
C VAL C 109 -8.40 8.13 14.68
N SER C 110 -8.74 7.04 15.36
CA SER C 110 -9.32 5.85 14.74
C SER C 110 -10.18 5.15 15.78
N PRO C 111 -11.44 4.83 15.44
CA PRO C 111 -12.38 4.17 16.34
C PRO C 111 -11.93 2.90 17.06
N ARG C 112 -10.92 2.22 16.56
CA ARG C 112 -10.47 1.03 17.25
C ARG C 112 -9.20 1.31 18.05
N ASN C 113 -8.85 2.58 18.15
CA ASN C 113 -7.66 2.92 18.90
C ASN C 113 -8.01 3.10 20.37
N VAL C 114 -7.69 2.09 21.16
CA VAL C 114 -7.99 2.10 22.58
C VAL C 114 -7.54 3.35 23.35
N ALA C 115 -6.43 3.94 22.91
CA ALA C 115 -5.88 5.13 23.55
C ALA C 115 -6.85 6.28 23.53
N VAL C 116 -7.70 6.28 22.53
CA VAL C 116 -8.67 7.33 22.35
C VAL C 116 -10.09 6.86 22.58
N PHE C 117 -10.41 5.62 22.25
CA PHE C 117 -11.76 5.17 22.47
C PHE C 117 -11.80 3.92 23.29
N PRO C 118 -11.55 4.08 24.59
CA PRO C 118 -11.51 3.03 25.60
C PRO C 118 -12.72 2.13 25.47
N GLN C 119 -13.92 2.67 25.68
CA GLN C 119 -15.10 1.83 25.61
C GLN C 119 -15.54 1.61 24.17
N LEU C 120 -15.61 2.69 23.40
CA LEU C 120 -16.05 2.55 22.02
C LEU C 120 -15.28 1.53 21.17
N SER C 121 -13.98 1.39 21.42
CA SER C 121 -13.16 0.45 20.68
C SER C 121 -13.78 -0.94 20.67
N LEU C 122 -14.32 -1.36 21.80
CA LEU C 122 -14.96 -2.68 21.84
C LEU C 122 -16.12 -2.79 20.87
N LEU C 123 -16.99 -1.80 20.88
CA LEU C 123 -18.15 -1.80 20.01
C LEU C 123 -17.74 -1.73 18.54
N ALA C 124 -16.77 -0.88 18.26
CA ALA C 124 -16.24 -0.67 16.93
C ALA C 124 -15.84 -1.98 16.27
N THR C 125 -15.53 -2.94 17.10
CA THR C 125 -15.15 -4.25 16.65
C THR C 125 -16.23 -4.96 15.81
N ASN C 126 -17.48 -4.48 15.86
CA ASN C 126 -18.55 -5.12 15.11
C ASN C 126 -19.06 -4.41 13.86
N PHE C 127 -18.29 -3.47 13.35
CA PHE C 127 -18.68 -2.75 12.16
C PHE C 127 -17.50 -2.57 11.25
N ASN C 128 -17.80 -2.14 10.04
CA ASN C 128 -16.80 -1.95 9.01
C ASN C 128 -16.47 -0.51 8.73
N LYS C 129 -17.45 0.37 8.93
CA LYS C 129 -17.25 1.78 8.65
C LYS C 129 -17.67 2.70 9.76
N TYR C 130 -17.20 3.93 9.67
CA TYR C 130 -17.50 4.93 10.67
C TYR C 130 -17.46 6.31 10.06
N ARG C 131 -18.11 7.26 10.73
CA ARG C 131 -18.13 8.64 10.29
C ARG C 131 -18.22 9.50 11.52
N ILE C 132 -17.27 10.42 11.70
CA ILE C 132 -17.25 11.28 12.86
C ILE C 132 -17.99 12.54 12.51
N THR C 133 -18.94 12.94 13.35
CA THR C 133 -19.71 14.14 13.04
C THR C 133 -19.41 15.30 13.97
N ALA C 134 -18.79 15.00 15.11
CA ALA C 134 -18.43 16.03 16.08
C ALA C 134 -17.24 15.60 16.90
N LEU C 135 -16.24 16.49 17.00
CA LEU C 135 -15.04 16.14 17.74
C LEU C 135 -14.36 17.34 18.37
N THR C 136 -14.17 17.26 19.68
CA THR C 136 -13.54 18.33 20.43
C THR C 136 -12.61 17.80 21.52
N VAL C 137 -11.52 18.53 21.73
CA VAL C 137 -10.55 18.21 22.77
C VAL C 137 -10.59 19.35 23.76
N LYS C 138 -10.69 19.01 25.03
CA LYS C 138 -10.75 20.02 26.06
C LYS C 138 -9.63 19.87 27.04
N TYR C 139 -9.05 21.00 27.41
CA TYR C 139 -7.99 21.00 28.39
C TYR C 139 -8.58 21.63 29.64
N SER C 140 -8.52 20.94 30.78
CA SER C 140 -9.03 21.56 31.99
C SER C 140 -7.89 21.59 33.02
N PRO C 141 -7.57 22.77 33.54
CA PRO C 141 -6.49 22.96 34.51
C PRO C 141 -6.77 22.33 35.85
N ALA C 142 -5.71 22.01 36.55
CA ALA C 142 -5.78 21.42 37.88
C ALA C 142 -5.05 22.35 38.84
N CYS C 143 -4.47 23.41 38.30
CA CYS C 143 -3.73 24.40 39.07
C CYS C 143 -4.40 25.76 38.88
N SER C 144 -4.10 26.70 39.77
CA SER C 144 -4.69 28.03 39.68
C SER C 144 -3.77 29.09 40.24
N PHE C 145 -2.77 28.66 41.01
CA PHE C 145 -1.84 29.59 41.63
C PHE C 145 -0.39 29.40 41.20
N GLU C 146 0.29 30.52 40.96
CA GLU C 146 1.69 30.52 40.56
C GLU C 146 2.16 29.31 39.75
N THR C 147 1.51 29.03 38.64
CA THR C 147 1.97 27.91 37.81
C THR C 147 2.16 28.41 36.39
N ASN C 148 3.42 28.52 35.99
CA ASN C 148 3.67 29.03 34.65
C ASN C 148 3.81 27.89 33.67
N GLY C 149 3.47 28.17 32.42
CA GLY C 149 3.61 27.15 31.40
C GLY C 149 2.72 27.34 30.19
N ARG C 150 3.14 26.83 29.04
CA ARG C 150 2.36 26.91 27.82
C ARG C 150 1.80 25.53 27.55
N VAL C 151 0.55 25.50 27.12
CA VAL C 151 -0.08 24.25 26.77
C VAL C 151 -0.71 24.55 25.43
N ALA C 152 -0.38 23.73 24.44
CA ALA C 152 -0.91 23.95 23.11
C ALA C 152 -1.39 22.66 22.48
N LEU C 153 -2.41 22.78 21.63
CA LEU C 153 -3.00 21.64 20.97
C LEU C 153 -3.06 21.91 19.51
N GLY C 154 -2.82 20.88 18.72
CA GLY C 154 -2.88 21.01 17.28
C GLY C 154 -3.47 19.77 16.65
N PHE C 155 -3.97 19.94 15.43
CA PHE C 155 -4.56 18.83 14.71
C PHE C 155 -4.08 18.82 13.27
N ASN C 156 -3.91 17.62 12.73
CA ASN C 156 -3.47 17.45 11.35
C ASN C 156 -4.33 16.35 10.76
N ASP C 157 -4.96 16.64 9.63
CA ASP C 157 -5.81 15.65 8.98
C ASP C 157 -5.08 14.62 8.12
N ASP C 158 -3.77 14.80 7.97
CA ASP C 158 -2.96 13.84 7.22
C ASP C 158 -2.41 12.96 8.31
N ALA C 159 -3.18 11.96 8.68
CA ALA C 159 -2.73 11.09 9.75
C ALA C 159 -1.37 10.41 9.57
N SER C 160 -0.87 10.29 8.34
CA SER C 160 0.40 9.61 8.14
C SER C 160 1.62 10.51 8.14
N ASP C 161 1.41 11.81 8.07
CA ASP C 161 2.56 12.67 8.09
C ASP C 161 3.13 12.62 9.50
N THR C 162 4.45 12.74 9.56
CA THR C 162 5.25 12.77 10.76
C THR C 162 4.77 13.78 11.78
N PRO C 163 5.00 13.51 13.07
CA PRO C 163 4.57 14.46 14.10
C PRO C 163 5.57 15.61 14.12
N PRO C 164 5.19 16.75 14.69
CA PRO C 164 6.10 17.88 14.73
C PRO C 164 7.27 17.58 15.64
N THR C 165 8.35 18.34 15.47
CA THR C 165 9.55 18.19 16.26
C THR C 165 10.00 19.56 16.71
N THR C 166 9.46 20.57 16.05
CA THR C 166 9.82 21.94 16.30
C THR C 166 8.66 22.78 16.75
N LYS C 167 8.96 23.78 17.58
CA LYS C 167 7.95 24.72 18.06
C LYS C 167 7.31 25.26 16.80
N VAL C 168 8.17 25.66 15.86
CA VAL C 168 7.71 26.21 14.60
C VAL C 168 6.84 25.22 13.86
N GLY C 169 7.37 24.03 13.68
CA GLY C 169 6.63 23.00 12.97
C GLY C 169 5.22 22.89 13.50
N PHE C 170 5.14 22.76 14.82
CA PHE C 170 3.87 22.63 15.49
C PHE C 170 2.92 23.77 15.16
N TYR C 171 3.36 25.01 15.33
CA TYR C 171 2.47 26.14 15.06
C TYR C 171 2.11 26.33 13.61
N ASP C 172 2.83 25.63 12.74
CA ASP C 172 2.57 25.71 11.32
C ASP C 172 1.52 24.68 10.90
N LEU C 173 1.04 23.93 11.88
CA LEU C 173 -0.01 22.96 11.60
C LEU C 173 -1.30 23.62 11.14
N GLY C 174 -2.13 22.82 10.47
CA GLY C 174 -3.39 23.31 9.97
C GLY C 174 -4.23 24.08 10.98
N LYS C 175 -4.34 23.55 12.19
CA LYS C 175 -5.12 24.21 13.23
C LYS C 175 -4.51 24.00 14.60
N HIS C 176 -4.34 25.06 15.36
CA HIS C 176 -3.75 24.93 16.68
C HIS C 176 -4.34 25.96 17.60
N VAL C 177 -4.22 25.69 18.88
CA VAL C 177 -4.73 26.58 19.88
C VAL C 177 -3.76 26.59 21.06
N GLU C 178 -3.51 27.77 21.63
CA GLU C 178 -2.57 27.91 22.73
C GLU C 178 -3.21 28.45 23.98
N THR C 179 -2.59 28.19 25.13
CA THR C 179 -3.12 28.68 26.39
C THR C 179 -2.06 28.60 27.47
N ALA C 180 -2.36 29.23 28.60
CA ALA C 180 -1.47 29.18 29.75
C ALA C 180 -1.99 28.12 30.70
N ALA C 181 -1.06 27.52 31.44
CA ALA C 181 -1.33 26.44 32.36
C ALA C 181 -2.60 26.47 33.20
N GLN C 182 -2.96 27.64 33.71
CA GLN C 182 -4.14 27.67 34.56
C GLN C 182 -5.42 28.09 33.87
N THR C 183 -5.42 28.12 32.55
CA THR C 183 -6.60 28.54 31.79
C THR C 183 -7.09 27.52 30.79
N ALA C 184 -8.34 27.07 30.97
CA ALA C 184 -8.90 26.06 30.08
C ALA C 184 -9.04 26.54 28.64
N LYS C 185 -9.00 25.60 27.69
CA LYS C 185 -9.13 25.93 26.27
C LYS C 185 -9.63 24.70 25.55
N ASP C 186 -10.33 24.91 24.44
CA ASP C 186 -10.86 23.80 23.67
C ASP C 186 -10.31 23.84 22.26
N LEU C 187 -10.19 22.69 21.63
CA LEU C 187 -9.75 22.61 20.25
C LEU C 187 -10.89 21.96 19.51
N VAL C 188 -11.50 22.63 18.55
CA VAL C 188 -12.57 21.93 17.84
C VAL C 188 -12.08 21.46 16.48
N ILE C 189 -11.96 20.14 16.36
CA ILE C 189 -11.49 19.56 15.13
C ILE C 189 -12.57 19.64 14.07
N PRO C 190 -12.23 20.13 12.88
CA PRO C 190 -13.18 20.25 11.78
C PRO C 190 -13.53 18.85 11.30
N VAL C 191 -14.75 18.70 10.83
CA VAL C 191 -15.17 17.42 10.36
C VAL C 191 -15.48 17.43 8.86
N ASP C 192 -15.17 16.35 8.15
CA ASP C 192 -15.52 16.23 6.73
C ASP C 192 -16.74 15.28 6.78
N GLY C 193 -17.47 15.13 5.69
CA GLY C 193 -18.61 14.24 5.81
C GLY C 193 -18.31 12.83 5.37
N LYS C 194 -17.03 12.53 5.28
CA LYS C 194 -16.61 11.23 4.79
C LYS C 194 -16.83 10.04 5.69
N THR C 195 -17.39 9.00 5.10
CA THR C 195 -17.63 7.75 5.80
C THR C 195 -16.47 6.89 5.36
N ARG C 196 -15.75 6.27 6.29
CA ARG C 196 -14.63 5.45 5.88
C ARG C 196 -14.57 4.14 6.61
N PHE C 197 -13.76 3.24 6.06
CA PHE C 197 -13.56 1.91 6.64
C PHE C 197 -12.79 2.05 7.94
N ILE C 198 -13.11 1.21 8.90
CA ILE C 198 -12.41 1.24 10.18
C ILE C 198 -11.16 0.39 9.96
N ARG C 199 -10.04 0.82 10.55
CA ARG C 199 -8.80 0.08 10.36
C ARG C 199 -8.81 -1.32 10.93
N ASP C 200 -8.58 -2.29 10.05
CA ASP C 200 -8.56 -3.68 10.45
C ASP C 200 -7.16 -4.11 10.94
N SER C 201 -6.13 -3.42 10.48
CA SER C 201 -4.77 -3.79 10.88
C SER C 201 -3.74 -2.72 10.63
N ALA C 202 -2.55 -2.99 11.15
CA ALA C 202 -1.44 -2.07 11.03
C ALA C 202 -1.01 -1.76 9.60
N SER C 203 -1.41 -2.56 8.64
CA SER C 203 -1.01 -2.31 7.27
C SER C 203 -2.06 -1.59 6.46
N ASP C 204 -3.08 -1.06 7.12
CA ASP C 204 -4.09 -0.35 6.35
C ASP C 204 -3.55 1.01 5.96
N ASP C 205 -4.04 1.53 4.84
CA ASP C 205 -3.58 2.83 4.37
C ASP C 205 -4.11 3.96 5.25
N ALA C 206 -3.29 4.46 6.16
CA ALA C 206 -3.72 5.56 7.03
C ALA C 206 -4.53 6.69 6.36
N LYS C 207 -4.17 7.08 5.14
CA LYS C 207 -4.90 8.17 4.47
C LYS C 207 -6.31 7.77 4.12
N LEU C 208 -6.52 6.48 3.97
CA LEU C 208 -7.82 5.96 3.63
C LEU C 208 -8.64 5.63 4.88
N VAL C 209 -7.98 5.20 5.93
CA VAL C 209 -8.70 4.78 7.11
C VAL C 209 -8.76 5.68 8.34
N ASP C 210 -7.68 6.38 8.62
CA ASP C 210 -7.63 7.22 9.79
C ASP C 210 -8.15 8.62 9.57
N PHE C 211 -8.73 9.17 10.61
CA PHE C 211 -9.31 10.50 10.55
C PHE C 211 -8.30 11.62 10.60
N GLY C 212 -7.27 11.47 11.43
CA GLY C 212 -6.25 12.50 11.52
C GLY C 212 -5.42 12.24 12.76
N ARG C 213 -4.63 13.22 13.14
CA ARG C 213 -3.80 13.05 14.31
C ARG C 213 -3.88 14.28 15.19
N ILE C 214 -3.90 14.04 16.49
CA ILE C 214 -3.96 15.09 17.49
C ILE C 214 -2.61 15.21 18.14
N VAL C 215 -2.21 16.44 18.43
CA VAL C 215 -0.93 16.70 19.05
C VAL C 215 -0.97 17.68 20.20
N LEU C 216 -0.33 17.27 21.29
CA LEU C 216 -0.23 18.07 22.48
C LEU C 216 1.21 18.50 22.59
N SER C 217 1.43 19.70 23.12
CA SER C 217 2.77 20.22 23.30
C SER C 217 2.85 21.03 24.60
N THR C 218 3.94 20.86 25.32
CA THR C 218 4.16 21.58 26.57
C THR C 218 5.60 21.94 26.74
N TYR C 219 5.81 23.05 27.43
CA TYR C 219 7.14 23.56 27.73
C TYR C 219 6.95 24.81 28.55
N GLY C 220 8.03 25.29 29.15
CA GLY C 220 7.97 26.50 29.93
C GLY C 220 7.52 26.40 31.38
N PHE C 221 7.52 25.21 31.96
CA PHE C 221 7.11 25.08 33.35
C PHE C 221 8.29 25.20 34.29
N ASP C 222 8.00 25.56 35.54
CA ASP C 222 9.04 25.69 36.57
C ASP C 222 9.29 24.37 37.29
N LYS C 223 8.22 23.63 37.59
CA LYS C 223 8.35 22.35 38.27
C LYS C 223 8.26 21.24 37.27
N ALA C 224 9.16 20.28 37.41
CA ALA C 224 9.24 19.14 36.51
C ALA C 224 8.06 18.19 36.49
N ASP C 225 7.89 17.41 37.55
CA ASP C 225 6.81 16.47 37.53
C ASP C 225 5.68 16.68 38.48
N THR C 226 4.66 17.31 37.94
CA THR C 226 3.45 17.63 38.66
C THR C 226 2.38 17.58 37.63
N VAL C 227 1.20 17.13 38.06
CA VAL C 227 0.10 17.09 37.16
C VAL C 227 -0.42 18.52 37.09
N VAL C 228 -0.62 18.97 35.88
CA VAL C 228 -1.07 20.32 35.65
C VAL C 228 -2.54 20.42 35.19
N GLY C 229 -3.02 19.39 34.49
CA GLY C 229 -4.39 19.42 34.03
C GLY C 229 -4.69 18.12 33.33
N GLU C 230 -5.88 18.04 32.73
CA GLU C 230 -6.30 16.84 32.03
C GLU C 230 -6.84 17.18 30.66
N LEU C 231 -6.85 16.17 29.80
CA LEU C 231 -7.35 16.32 28.44
C LEU C 231 -8.53 15.40 28.22
N PHE C 232 -9.61 15.91 27.67
CA PHE C 232 -10.77 15.08 27.42
C PHE C 232 -11.20 15.14 25.94
N ILE C 233 -11.73 14.05 25.41
CA ILE C 233 -12.21 14.05 24.03
C ILE C 233 -13.71 13.95 24.14
N GLN C 234 -14.39 14.75 23.35
CA GLN C 234 -15.84 14.74 23.35
C GLN C 234 -16.15 14.42 21.91
N TYR C 235 -16.87 13.34 21.69
CA TYR C 235 -17.16 12.94 20.33
C TYR C 235 -18.60 12.53 20.02
N THR C 236 -18.84 12.38 18.72
CA THR C 236 -20.11 11.90 18.19
C THR C 236 -19.75 11.18 16.90
N ILE C 237 -19.84 9.85 16.94
CA ILE C 237 -19.52 9.01 15.80
C ILE C 237 -20.70 8.18 15.36
N VAL C 238 -20.66 7.75 14.10
CA VAL C 238 -21.68 6.90 13.54
C VAL C 238 -21.01 5.66 12.97
N LEU C 239 -21.26 4.53 13.64
CA LEU C 239 -20.74 3.23 13.21
C LEU C 239 -21.75 2.72 12.20
N SER C 240 -21.30 1.99 11.17
CA SER C 240 -22.30 1.61 10.19
C SER C 240 -22.30 0.35 9.38
N ASP C 241 -21.18 -0.20 9.01
CA ASP C 241 -21.37 -1.36 8.18
C ASP C 241 -21.19 -2.60 9.06
N PRO C 242 -22.30 -3.26 9.44
CA PRO C 242 -22.19 -4.45 10.31
C PRO C 242 -21.57 -5.71 9.68
N THR C 243 -20.69 -6.37 10.44
CA THR C 243 -20.10 -7.64 10.02
C THR C 243 -19.72 -8.42 11.24
N LYS C 244 -19.09 -9.56 10.98
CA LYS C 244 -18.62 -10.46 12.03
C LYS C 244 -17.59 -9.71 12.89
N THR C 245 -17.52 -10.08 14.16
CA THR C 245 -16.60 -9.43 15.06
C THR C 245 -15.15 -9.51 14.60
N ALA C 246 -14.44 -8.39 14.73
CA ALA C 246 -13.03 -8.35 14.33
C ALA C 246 -12.13 -9.02 15.37
N LYS C 247 -10.88 -9.18 15.00
CA LYS C 247 -9.89 -9.78 15.88
C LYS C 247 -9.65 -8.82 17.06
N ILE C 248 -9.55 -9.38 18.25
CA ILE C 248 -9.33 -8.57 19.45
C ILE C 248 -7.91 -8.64 20.00
N SER C 249 -7.09 -9.50 19.41
CA SER C 249 -5.71 -9.66 19.86
C SER C 249 -4.78 -9.16 18.77
N GLN C 250 -3.68 -8.53 19.17
CA GLN C 250 -2.71 -8.05 18.18
C GLN C 250 -1.59 -9.06 18.14
N ALA C 251 -1.12 -9.38 16.93
CA ALA C 251 -0.04 -10.37 16.78
C ALA C 251 0.98 -9.95 15.76
N SER C 252 2.26 -10.17 16.08
CA SER C 252 3.37 -9.81 15.21
C SER C 252 3.27 -10.65 13.96
N ASN C 253 2.71 -10.08 12.91
CA ASN C 253 2.56 -10.79 11.67
C ASN C 253 3.81 -10.60 10.83
N ASP C 254 4.93 -11.11 11.35
CA ASP C 254 6.24 -11.03 10.71
C ASP C 254 6.44 -9.68 10.04
N LYS C 255 6.70 -8.67 10.87
CA LYS C 255 6.85 -7.27 10.45
C LYS C 255 5.44 -6.81 10.09
N VAL C 256 4.89 -5.98 10.99
CA VAL C 256 3.52 -5.46 10.90
C VAL C 256 2.66 -6.40 11.74
N SER C 257 1.73 -5.82 12.49
CA SER C 257 0.83 -6.57 13.35
C SER C 257 -0.36 -7.10 12.59
N ASP C 258 -1.29 -7.68 13.33
CA ASP C 258 -2.46 -8.22 12.71
C ASP C 258 -3.78 -7.64 13.14
N GLY C 259 -3.97 -7.42 14.43
CA GLY C 259 -5.25 -6.88 14.82
C GLY C 259 -5.15 -5.43 15.23
N PRO C 260 -5.89 -5.07 16.27
CA PRO C 260 -5.94 -3.72 16.82
C PRO C 260 -4.51 -3.31 17.21
N THR C 261 -4.20 -2.04 17.02
CA THR C 261 -2.86 -1.59 17.37
C THR C 261 -2.75 -1.30 18.87
N TYR C 262 -2.52 -2.35 19.65
CA TYR C 262 -2.41 -2.23 21.11
C TYR C 262 -1.03 -1.73 21.50
N VAL C 263 -0.07 -2.15 20.68
CA VAL C 263 1.31 -1.87 20.92
C VAL C 263 2.00 -1.53 19.62
N VAL C 264 3.01 -0.65 19.69
CA VAL C 264 3.80 -0.33 18.50
C VAL C 264 5.25 -0.65 18.82
N PRO C 265 5.87 -1.48 17.98
CA PRO C 265 7.25 -1.91 18.14
C PRO C 265 8.24 -1.09 17.35
N SER C 266 9.48 -1.14 17.81
CA SER C 266 10.58 -0.45 17.16
C SER C 266 11.79 -1.30 17.47
N VAL C 267 12.45 -1.75 16.42
CA VAL C 267 13.62 -2.58 16.58
C VAL C 267 14.86 -1.73 16.47
N ASN C 268 15.75 -1.92 17.42
CA ASN C 268 17.01 -1.19 17.42
C ASN C 268 18.12 -2.23 17.49
N GLY C 269 18.42 -2.81 16.34
CA GLY C 269 19.46 -3.81 16.28
C GLY C 269 19.03 -5.10 16.96
N ASN C 270 19.62 -5.39 18.12
CA ASN C 270 19.28 -6.62 18.82
C ASN C 270 18.25 -6.41 19.91
N GLU C 271 17.89 -5.15 20.10
CA GLU C 271 16.93 -4.77 21.12
C GLU C 271 15.55 -4.46 20.50
N LEU C 272 14.51 -4.84 21.23
CA LEU C 272 13.13 -4.63 20.79
C LEU C 272 12.29 -3.91 21.84
N GLN C 273 11.53 -2.93 21.38
CA GLN C 273 10.66 -2.17 22.26
C GLN C 273 9.22 -2.23 21.84
N LEU C 274 8.38 -2.57 22.80
CA LEU C 274 6.95 -2.61 22.55
C LEU C 274 6.36 -1.46 23.34
N ARG C 275 5.83 -0.47 22.65
CA ARG C 275 5.24 0.65 23.35
C ARG C 275 3.76 0.39 23.49
N VAL C 276 3.34 0.29 24.75
CA VAL C 276 1.95 0.06 25.05
C VAL C 276 1.21 1.36 24.91
N VAL C 277 0.44 1.41 23.85
CA VAL C 277 -0.33 2.58 23.50
C VAL C 277 -1.20 3.22 24.56
N ALA C 278 -2.00 2.44 25.28
CA ALA C 278 -2.87 3.05 26.28
C ALA C 278 -2.86 2.37 27.62
N ALA C 279 -3.32 3.10 28.64
CA ALA C 279 -3.35 2.52 29.97
C ALA C 279 -4.34 1.37 29.97
N GLY C 280 -4.04 0.32 30.75
CA GLY C 280 -4.95 -0.81 30.81
C GLY C 280 -4.31 -2.05 31.38
N LYS C 281 -5.05 -3.15 31.33
CA LYS C 281 -4.54 -4.42 31.81
C LYS C 281 -4.29 -5.21 30.53
N TRP C 282 -3.07 -5.70 30.39
CA TRP C 282 -2.69 -6.42 29.19
C TRP C 282 -1.87 -7.64 29.47
N CYS C 283 -1.86 -8.53 28.49
CA CYS C 283 -1.07 -9.71 28.60
C CYS C 283 -0.28 -9.87 27.31
N ILE C 284 1.03 -9.98 27.43
CA ILE C 284 1.88 -10.12 26.26
C ILE C 284 2.73 -11.35 26.34
N ILE C 285 2.88 -12.00 25.19
CA ILE C 285 3.67 -13.21 25.12
C ILE C 285 4.73 -13.12 24.06
N VAL C 286 5.97 -13.39 24.46
CA VAL C 286 7.09 -13.34 23.52
C VAL C 286 7.71 -14.71 23.36
N ARG C 287 8.01 -15.06 22.11
CA ARG C 287 8.59 -16.36 21.77
C ARG C 287 9.86 -16.27 20.94
N GLY C 288 10.66 -17.34 20.99
CA GLY C 288 11.90 -17.40 20.23
C GLY C 288 12.23 -18.80 19.73
N THR C 289 13.43 -18.95 19.20
CA THR C 289 13.92 -20.22 18.66
C THR C 289 14.97 -20.89 19.56
N VAL C 290 16.13 -20.24 19.62
CA VAL C 290 17.28 -20.65 20.41
C VAL C 290 16.96 -20.64 21.89
N GLU C 291 17.43 -21.62 22.63
CA GLU C 291 17.17 -21.66 24.07
C GLU C 291 17.69 -20.40 24.80
N GLY C 292 18.86 -19.90 24.40
CA GLY C 292 19.36 -18.69 25.03
C GLY C 292 18.53 -17.49 24.59
N GLY C 293 18.01 -17.59 23.37
CA GLY C 293 17.16 -16.58 22.74
C GLY C 293 17.15 -15.10 23.09
N PHE C 294 16.59 -14.78 24.26
CA PHE C 294 16.51 -13.39 24.71
C PHE C 294 16.54 -13.33 26.21
N THR C 295 16.96 -12.18 26.72
CA THR C 295 17.05 -11.93 28.15
C THR C 295 15.65 -11.70 28.70
N LYS C 296 15.49 -11.84 30.01
CA LYS C 296 14.20 -11.57 30.63
C LYS C 296 13.89 -10.10 30.32
N PRO C 297 12.65 -9.83 29.93
CA PRO C 297 12.19 -8.47 29.59
C PRO C 297 12.14 -7.50 30.78
N THR C 298 12.19 -6.22 30.46
CA THR C 298 12.19 -5.18 31.47
C THR C 298 11.10 -4.14 31.27
N LEU C 299 10.59 -3.61 32.38
CA LEU C 299 9.55 -2.61 32.31
C LEU C 299 10.18 -1.24 32.43
N ILE C 300 9.93 -0.40 31.44
CA ILE C 300 10.47 0.94 31.40
C ILE C 300 9.33 1.93 31.56
N GLY C 301 9.35 2.70 32.65
CA GLY C 301 8.29 3.67 32.86
C GLY C 301 7.83 3.72 34.29
N PRO C 302 7.34 4.88 34.72
CA PRO C 302 6.84 5.11 36.08
C PRO C 302 5.48 4.47 36.32
N GLY C 303 4.72 4.30 35.24
CA GLY C 303 3.39 3.73 35.36
C GLY C 303 3.17 2.36 34.76
N ILE C 304 4.18 1.51 34.82
CA ILE C 304 4.05 0.16 34.29
C ILE C 304 4.49 -0.80 35.38
N SER C 305 3.62 -1.74 35.72
CA SER C 305 3.94 -2.72 36.72
C SER C 305 3.35 -3.99 36.23
N GLY C 306 3.73 -5.10 36.84
CA GLY C 306 3.20 -6.36 36.39
C GLY C 306 4.01 -7.52 36.86
N ASP C 307 3.67 -8.69 36.34
CA ASP C 307 4.32 -9.92 36.68
C ASP C 307 4.88 -10.55 35.41
N VAL C 308 6.19 -10.78 35.38
CA VAL C 308 6.82 -11.40 34.22
C VAL C 308 7.20 -12.85 34.52
N ASP C 309 6.73 -13.76 33.68
CA ASP C 309 7.01 -15.16 33.84
C ASP C 309 7.97 -15.60 32.74
N TYR C 310 9.25 -15.65 33.09
CA TYR C 310 10.31 -16.01 32.15
C TYR C 310 10.76 -17.45 32.24
N GLU C 311 11.07 -18.01 31.08
CA GLU C 311 11.49 -19.39 30.99
C GLU C 311 12.55 -19.37 29.90
N SER C 312 13.80 -19.39 30.31
CA SER C 312 14.88 -19.34 29.33
C SER C 312 15.10 -20.66 28.58
N ALA C 313 14.30 -21.69 28.90
CA ALA C 313 14.43 -22.99 28.23
C ALA C 313 14.06 -22.75 26.77
N ARG C 314 12.78 -22.90 26.45
CA ARG C 314 12.29 -22.60 25.11
C ARG C 314 12.08 -21.13 25.38
N PRO C 315 12.85 -20.27 24.72
CA PRO C 315 12.75 -18.82 24.92
C PRO C 315 11.31 -18.34 24.94
N ILE C 316 10.79 -18.04 26.13
CA ILE C 316 9.43 -17.57 26.27
C ILE C 316 9.13 -16.72 27.51
N ALA C 317 8.34 -15.68 27.32
CA ALA C 317 7.96 -14.79 28.41
C ALA C 317 6.45 -14.56 28.38
N VAL C 318 5.86 -14.58 29.56
CA VAL C 318 4.44 -14.37 29.68
C VAL C 318 4.24 -13.20 30.63
N CYS C 319 4.02 -12.01 30.09
CA CYS C 319 3.87 -10.85 30.93
C CYS C 319 2.46 -10.33 31.10
N GLU C 320 2.04 -10.23 32.35
CA GLU C 320 0.72 -9.73 32.69
C GLU C 320 0.99 -8.35 33.26
N LEU C 321 0.79 -7.35 32.43
CA LEU C 321 1.08 -5.96 32.79
C LEU C 321 -0.08 -5.06 33.15
N VAL C 322 0.26 -3.93 33.76
CA VAL C 322 -0.72 -2.91 34.12
C VAL C 322 -0.16 -1.53 33.84
N THR C 323 -0.60 -0.95 32.74
CA THR C 323 -0.18 0.37 32.33
C THR C 323 -1.20 1.29 32.95
N GLN C 324 -0.77 2.29 33.69
CA GLN C 324 -1.78 3.21 34.20
C GLN C 324 -1.61 4.59 33.63
N MET C 325 -1.09 4.61 32.42
CA MET C 325 -0.90 5.82 31.65
C MET C 325 -0.33 5.42 30.31
N GLU C 326 -0.69 6.19 29.30
CA GLU C 326 -0.25 5.92 27.95
C GLU C 326 1.26 5.82 27.81
N GLY C 327 1.68 5.23 26.69
CA GLY C 327 3.08 5.11 26.36
C GLY C 327 4.11 4.39 27.21
N GLN C 328 3.75 3.41 28.02
CA GLN C 328 4.79 2.72 28.78
C GLN C 328 5.54 1.73 27.85
N ILE C 329 6.67 1.21 28.30
CA ILE C 329 7.46 0.34 27.43
C ILE C 329 7.93 -0.97 28.00
N LEU C 330 7.91 -1.98 27.14
CA LEU C 330 8.38 -3.32 27.48
C LEU C 330 9.64 -3.50 26.64
N LYS C 331 10.75 -3.83 27.31
CA LYS C 331 12.03 -3.99 26.63
C LYS C 331 12.52 -5.41 26.61
N ILE C 332 12.99 -5.85 25.46
CA ILE C 332 13.50 -7.20 25.30
C ILE C 332 14.73 -7.18 24.42
N THR C 333 15.78 -7.88 24.83
CA THR C 333 17.00 -7.92 24.04
C THR C 333 17.30 -9.36 23.68
N LYS C 334 17.54 -9.63 22.41
CA LYS C 334 17.80 -10.99 21.99
C LYS C 334 19.24 -11.24 21.53
N THR C 335 19.57 -12.52 21.39
CA THR C 335 20.89 -12.99 20.96
C THR C 335 21.07 -12.69 19.48
N SER C 336 22.29 -12.34 19.07
CA SER C 336 22.56 -12.04 17.67
C SER C 336 22.31 -13.29 16.81
N ALA C 337 22.36 -14.46 17.45
CA ALA C 337 22.13 -15.74 16.79
C ALA C 337 20.63 -15.99 16.62
N GLU C 338 19.86 -15.44 17.56
CA GLU C 338 18.41 -15.56 17.58
C GLU C 338 17.67 -14.79 16.48
N GLN C 339 16.64 -15.43 15.94
CA GLN C 339 15.81 -14.84 14.91
C GLN C 339 14.93 -13.77 15.51
N PRO C 340 14.31 -12.91 14.67
CA PRO C 340 13.45 -11.86 15.22
C PRO C 340 12.35 -12.57 16.02
N LEU C 341 12.11 -12.10 17.24
CA LEU C 341 11.10 -12.73 18.09
C LEU C 341 9.71 -12.38 17.65
N GLN C 342 8.76 -13.22 18.05
CA GLN C 342 7.36 -13.04 17.72
C GLN C 342 6.57 -12.81 19.02
N TRP C 343 5.40 -12.19 18.90
CA TRP C 343 4.61 -11.88 20.07
C TRP C 343 3.12 -11.67 19.81
N VAL C 344 2.36 -11.67 20.91
CA VAL C 344 0.92 -11.49 20.87
C VAL C 344 0.50 -10.66 22.08
N VAL C 345 -0.57 -9.89 21.93
CA VAL C 345 -1.09 -9.08 23.02
C VAL C 345 -2.59 -9.29 23.23
N TYR C 346 -2.96 -9.75 24.42
CA TYR C 346 -4.36 -9.95 24.75
C TYR C 346 -4.83 -8.83 25.64
N ARG C 347 -6.11 -8.48 25.51
CA ARG C 347 -6.68 -7.43 26.33
C ARG C 347 -7.39 -8.14 27.47
N MET C 348 -7.05 -7.80 28.71
CA MET C 348 -7.69 -8.48 29.83
C MET C 348 -8.97 -7.74 30.18
S SO4 D . 3.49 -3.81 -22.72
O1 SO4 D . 3.34 -3.35 -21.34
O2 SO4 D . 4.75 -4.51 -22.46
O3 SO4 D . 3.70 -2.78 -23.70
O4 SO4 D . 2.37 -4.59 -23.24
S SO4 E . -14.61 -15.77 11.98
O1 SO4 E . -15.36 -15.14 13.04
O2 SO4 E . -14.65 -17.16 12.28
O3 SO4 E . -13.26 -15.29 11.54
O4 SO4 E . -15.72 -15.95 11.11
CA CA F . -13.21 -4.39 7.94
S SO4 G . 9.04 19.56 12.14
O1 SO4 G . 8.72 20.52 13.19
O2 SO4 G . 8.38 18.23 11.91
O3 SO4 G . 10.25 18.91 12.59
O4 SO4 G . 9.16 20.39 10.95
#